data_322D
# 
_entry.id   322D 
# 
_audit_conform.dict_name       mmcif_pdbx.dic 
_audit_conform.dict_version    5.387 
_audit_conform.dict_location   http://mmcif.pdb.org/dictionaries/ascii/mmcif_pdbx.dic 
# 
loop_
_database_2.database_id 
_database_2.database_code 
_database_2.pdbx_database_accession 
_database_2.pdbx_DOI 
PDB   322D         pdb_0000322d 10.2210/pdb322d/pdb 
RCSB  ADJB83       ?            ?                   
WWPDB D_1000178791 ?            ?                   
# 
loop_
_pdbx_audit_revision_history.ordinal 
_pdbx_audit_revision_history.data_content_type 
_pdbx_audit_revision_history.major_revision 
_pdbx_audit_revision_history.minor_revision 
_pdbx_audit_revision_history.revision_date 
1 'Structure model' 1 0 1997-05-22 
2 'Structure model' 1 1 2008-05-22 
3 'Structure model' 1 2 2011-07-13 
4 'Structure model' 1 3 2024-02-21 
# 
_pdbx_audit_revision_details.ordinal             1 
_pdbx_audit_revision_details.revision_ordinal    1 
_pdbx_audit_revision_details.data_content_type   'Structure model' 
_pdbx_audit_revision_details.provider            repository 
_pdbx_audit_revision_details.type                'Initial release' 
_pdbx_audit_revision_details.description         ? 
_pdbx_audit_revision_details.details             ? 
# 
loop_
_pdbx_audit_revision_group.ordinal 
_pdbx_audit_revision_group.revision_ordinal 
_pdbx_audit_revision_group.data_content_type 
_pdbx_audit_revision_group.group 
1 2 'Structure model' 'Version format compliance' 
2 3 'Structure model' 'Version format compliance' 
3 4 'Structure model' 'Data collection'           
4 4 'Structure model' 'Database references'       
5 4 'Structure model' 'Derived calculations'      
# 
loop_
_pdbx_audit_revision_category.ordinal 
_pdbx_audit_revision_category.revision_ordinal 
_pdbx_audit_revision_category.data_content_type 
_pdbx_audit_revision_category.category 
1 4 'Structure model' chem_comp_atom 
2 4 'Structure model' chem_comp_bond 
3 4 'Structure model' database_2     
4 4 'Structure model' struct_conn    
# 
loop_
_pdbx_audit_revision_item.ordinal 
_pdbx_audit_revision_item.revision_ordinal 
_pdbx_audit_revision_item.data_content_type 
_pdbx_audit_revision_item.item 
1 4 'Structure model' '_database_2.pdbx_DOI'                
2 4 'Structure model' '_database_2.pdbx_database_accession' 
3 4 'Structure model' '_struct_conn.pdbx_leaving_atom_flag' 
# 
_pdbx_database_status.status_code                     REL 
_pdbx_database_status.entry_id                        322D 
_pdbx_database_status.recvd_initial_deposition_date   1997-03-17 
_pdbx_database_status.deposit_site                    NDB 
_pdbx_database_status.process_site                    NDB 
_pdbx_database_status.status_code_sf                  REL 
_pdbx_database_status.status_code_mr                  ? 
_pdbx_database_status.SG_entry                        ? 
_pdbx_database_status.pdb_format_compatible           Y 
_pdbx_database_status.status_code_cs                  ? 
_pdbx_database_status.status_code_nmr_data            ? 
_pdbx_database_status.methods_development_category    ? 
# 
loop_
_audit_author.name 
_audit_author.pdbx_ordinal 
'Tippin, D.B.'      1 
'Sundaralingam, M.' 2 
# 
_citation.id                        primary 
_citation.title                     
;Nine polymorphic crystal structures of d(CCGGGCCCGG), d(CCGGGCCm5CGG), d(Cm5CGGGCCm5CGG) and d(CCGGGCC(Br)5CGG) in three different conformations: effects of spermine binding and methylation on the bending and condensation of A-DNA.
;
_citation.journal_abbrev            J.Mol.Biol. 
_citation.journal_volume            267 
_citation.page_first                1171 
_citation.page_last                 1185 
_citation.year                      1997 
_citation.journal_id_ASTM           JMOBAK 
_citation.country                   UK 
_citation.journal_id_ISSN           0022-2836 
_citation.journal_id_CSD            0070 
_citation.book_publisher            ? 
_citation.pdbx_database_id_PubMed   9150405 
_citation.pdbx_database_id_DOI      10.1006/jmbi.1997.0945 
# 
loop_
_citation_author.citation_id 
_citation_author.name 
_citation_author.ordinal 
_citation_author.identifier_ORCID 
primary 'Tippin, D.B.'      1 ? 
primary 'Sundaralingam, M.' 2 ? 
# 
loop_
_entity.id 
_entity.type 
_entity.src_method 
_entity.pdbx_description 
_entity.formula_weight 
_entity.pdbx_number_of_molecules 
_entity.pdbx_ec 
_entity.pdbx_mutation 
_entity.pdbx_fragment 
_entity.details 
1 polymer syn 
;DNA (5'-D(*CP*CP*GP*GP*GP*CP*CP*(5CM)P*GP*G)-3')
;
3061.008 2  ? ? ? ? 
2 water   nat water                                              18.015   76 ? ? ? ? 
# 
_entity_poly.entity_id                      1 
_entity_poly.type                           polydeoxyribonucleotide 
_entity_poly.nstd_linkage                   no 
_entity_poly.nstd_monomer                   yes 
_entity_poly.pdbx_seq_one_letter_code       '(DC)(DC)(DG)(DG)(DG)(DC)(DC)(5CM)(DG)(DG)' 
_entity_poly.pdbx_seq_one_letter_code_can   CCGGGCCCGG 
_entity_poly.pdbx_strand_id                 A,B 
_entity_poly.pdbx_target_identifier         ? 
# 
_pdbx_entity_nonpoly.entity_id   2 
_pdbx_entity_nonpoly.name        water 
_pdbx_entity_nonpoly.comp_id     HOH 
# 
loop_
_entity_poly_seq.entity_id 
_entity_poly_seq.num 
_entity_poly_seq.mon_id 
_entity_poly_seq.hetero 
1 1  DC  n 
1 2  DC  n 
1 3  DG  n 
1 4  DG  n 
1 5  DG  n 
1 6  DC  n 
1 7  DC  n 
1 8  5CM n 
1 9  DG  n 
1 10 DG  n 
# 
loop_
_chem_comp.id 
_chem_comp.type 
_chem_comp.mon_nstd_flag 
_chem_comp.name 
_chem_comp.pdbx_synonyms 
_chem_comp.formula 
_chem_comp.formula_weight 
5CM 'DNA linking' n "5-METHYL-2'-DEOXY-CYTIDINE-5'-MONOPHOSPHATE" ? 'C10 H16 N3 O7 P' 321.224 
DC  'DNA linking' y "2'-DEOXYCYTIDINE-5'-MONOPHOSPHATE"           ? 'C9 H14 N3 O7 P'  307.197 
DG  'DNA linking' y "2'-DEOXYGUANOSINE-5'-MONOPHOSPHATE"          ? 'C10 H14 N5 O7 P' 347.221 
HOH non-polymer   . WATER                                         ? 'H2 O'            18.015  
# 
loop_
_pdbx_poly_seq_scheme.asym_id 
_pdbx_poly_seq_scheme.entity_id 
_pdbx_poly_seq_scheme.seq_id 
_pdbx_poly_seq_scheme.mon_id 
_pdbx_poly_seq_scheme.ndb_seq_num 
_pdbx_poly_seq_scheme.pdb_seq_num 
_pdbx_poly_seq_scheme.auth_seq_num 
_pdbx_poly_seq_scheme.pdb_mon_id 
_pdbx_poly_seq_scheme.auth_mon_id 
_pdbx_poly_seq_scheme.pdb_strand_id 
_pdbx_poly_seq_scheme.pdb_ins_code 
_pdbx_poly_seq_scheme.hetero 
A 1 1  DC  1  1  1  DC  C  A . n 
A 1 2  DC  2  2  2  DC  C  A . n 
A 1 3  DG  3  3  3  DG  G  A . n 
A 1 4  DG  4  4  4  DG  G  A . n 
A 1 5  DG  5  5  5  DG  G  A . n 
A 1 6  DC  6  6  6  DC  C  A . n 
A 1 7  DC  7  7  7  DC  C  A . n 
A 1 8  5CM 8  8  8  5CM +C A . n 
A 1 9  DG  9  9  9  DG  G  A . n 
A 1 10 DG  10 10 10 DG  G  A . n 
B 1 1  DC  1  11 11 DC  C  B . n 
B 1 2  DC  2  12 12 DC  C  B . n 
B 1 3  DG  3  13 13 DG  G  B . n 
B 1 4  DG  4  14 14 DG  G  B . n 
B 1 5  DG  5  15 15 DG  G  B . n 
B 1 6  DC  6  16 16 DC  C  B . n 
B 1 7  DC  7  17 17 DC  C  B . n 
B 1 8  5CM 8  18 18 5CM +C B . n 
B 1 9  DG  9  19 19 DG  G  B . n 
B 1 10 DG  10 20 20 DG  G  B . n 
# 
loop_
_pdbx_nonpoly_scheme.asym_id 
_pdbx_nonpoly_scheme.entity_id 
_pdbx_nonpoly_scheme.mon_id 
_pdbx_nonpoly_scheme.ndb_seq_num 
_pdbx_nonpoly_scheme.pdb_seq_num 
_pdbx_nonpoly_scheme.auth_seq_num 
_pdbx_nonpoly_scheme.pdb_mon_id 
_pdbx_nonpoly_scheme.auth_mon_id 
_pdbx_nonpoly_scheme.pdb_strand_id 
_pdbx_nonpoly_scheme.pdb_ins_code 
C 2 HOH 1  21 21 HOH HOH A . 
C 2 HOH 2  23 23 HOH HOH A . 
C 2 HOH 3  25 25 HOH HOH A . 
C 2 HOH 4  26 26 HOH HOH A . 
C 2 HOH 5  28 28 HOH HOH A . 
C 2 HOH 6  29 29 HOH HOH A . 
C 2 HOH 7  35 35 HOH HOH A . 
C 2 HOH 8  36 36 HOH HOH A . 
C 2 HOH 9  37 37 HOH HOH A . 
C 2 HOH 10 38 38 HOH HOH A . 
C 2 HOH 11 40 40 HOH HOH A . 
C 2 HOH 12 41 41 HOH HOH A . 
C 2 HOH 13 42 42 HOH HOH A . 
C 2 HOH 14 47 47 HOH HOH A . 
C 2 HOH 15 48 48 HOH HOH A . 
C 2 HOH 16 50 50 HOH HOH A . 
C 2 HOH 17 51 51 HOH HOH A . 
C 2 HOH 18 52 52 HOH HOH A . 
C 2 HOH 19 53 53 HOH HOH A . 
C 2 HOH 20 54 54 HOH HOH A . 
C 2 HOH 21 55 55 HOH HOH A . 
C 2 HOH 22 56 56 HOH HOH A . 
C 2 HOH 23 57 57 HOH HOH A . 
C 2 HOH 24 58 58 HOH HOH A . 
C 2 HOH 25 59 59 HOH HOH A . 
C 2 HOH 26 60 60 HOH HOH A . 
C 2 HOH 27 61 61 HOH HOH A . 
C 2 HOH 28 62 62 HOH HOH A . 
C 2 HOH 29 64 64 HOH HOH A . 
C 2 HOH 30 66 66 HOH HOH A . 
C 2 HOH 31 67 67 HOH HOH A . 
C 2 HOH 32 68 68 HOH HOH A . 
C 2 HOH 33 71 71 HOH HOH A . 
C 2 HOH 34 72 72 HOH HOH A . 
C 2 HOH 35 73 73 HOH HOH A . 
C 2 HOH 36 74 74 HOH HOH A . 
C 2 HOH 37 76 76 HOH HOH A . 
C 2 HOH 38 77 77 HOH HOH A . 
C 2 HOH 39 78 78 HOH HOH A . 
C 2 HOH 40 79 79 HOH HOH A . 
C 2 HOH 41 80 80 HOH HOH A . 
C 2 HOH 42 82 82 HOH HOH A . 
C 2 HOH 43 83 83 HOH HOH A . 
C 2 HOH 44 84 84 HOH HOH A . 
D 2 HOH 1  22 22 HOH HOH B . 
D 2 HOH 2  24 24 HOH HOH B . 
D 2 HOH 3  27 27 HOH HOH B . 
D 2 HOH 4  30 30 HOH HOH B . 
D 2 HOH 5  31 31 HOH HOH B . 
D 2 HOH 6  32 32 HOH HOH B . 
D 2 HOH 7  33 33 HOH HOH B . 
D 2 HOH 8  34 34 HOH HOH B . 
D 2 HOH 9  39 39 HOH HOH B . 
D 2 HOH 10 43 43 HOH HOH B . 
D 2 HOH 11 44 44 HOH HOH B . 
D 2 HOH 12 45 45 HOH HOH B . 
D 2 HOH 13 46 46 HOH HOH B . 
D 2 HOH 14 49 49 HOH HOH B . 
D 2 HOH 15 63 63 HOH HOH B . 
D 2 HOH 16 65 65 HOH HOH B . 
D 2 HOH 17 69 69 HOH HOH B . 
D 2 HOH 18 70 70 HOH HOH B . 
D 2 HOH 19 75 75 HOH HOH B . 
D 2 HOH 20 81 81 HOH HOH B . 
D 2 HOH 21 85 85 HOH HOH B . 
D 2 HOH 22 86 86 HOH HOH B . 
D 2 HOH 23 87 87 HOH HOH B . 
D 2 HOH 24 88 88 HOH HOH B . 
D 2 HOH 25 89 89 HOH HOH B . 
D 2 HOH 26 90 90 HOH HOH B . 
D 2 HOH 27 91 91 HOH HOH B . 
D 2 HOH 28 92 92 HOH HOH B . 
D 2 HOH 29 93 93 HOH HOH B . 
D 2 HOH 30 94 94 HOH HOH B . 
D 2 HOH 31 95 95 HOH HOH B . 
D 2 HOH 32 96 96 HOH HOH B . 
# 
loop_
_software.name 
_software.classification 
_software.version 
_software.citation_id 
_software.pdbx_ordinal 
X-PLOR refinement       .        ? 1 
XENGEN 'data reduction' 'V. 2.0' ? 2 
# 
_cell.entry_id           322D 
_cell.length_a           55.030 
_cell.length_b           55.030 
_cell.length_c           45.880 
_cell.angle_alpha        90.00 
_cell.angle_beta         90.00 
_cell.angle_gamma        120.00 
_cell.Z_PDB              12 
_cell.pdbx_unique_axis   ? 
# 
_symmetry.entry_id                         322D 
_symmetry.space_group_name_H-M             'P 61' 
_symmetry.pdbx_full_space_group_name_H-M   ? 
_symmetry.cell_setting                     ? 
_symmetry.Int_Tables_number                169 
# 
_exptl.entry_id          322D 
_exptl.method            'X-RAY DIFFRACTION' 
_exptl.crystals_number   ? 
# 
_exptl_crystal.id                    1 
_exptl_crystal.density_meas          ? 
_exptl_crystal.density_Matthews      3.28 
_exptl_crystal.density_percent_sol   62.45 
_exptl_crystal.description           ? 
# 
_exptl_crystal_grow.crystal_id      1 
_exptl_crystal_grow.method          'VAPOR DIFFUSION, HANGING DROP' 
_exptl_crystal_grow.temp            295.00 
_exptl_crystal_grow.temp_details    ? 
_exptl_crystal_grow.pH              7.00 
_exptl_crystal_grow.pdbx_details    'pH 7.00, VAPOR DIFFUSION, HANGING DROP, temperature 295.00K' 
_exptl_crystal_grow.pdbx_pH_range   ? 
# 
loop_
_exptl_crystal_grow_comp.crystal_id 
_exptl_crystal_grow_comp.id 
_exptl_crystal_grow_comp.sol_id 
_exptl_crystal_grow_comp.name 
_exptl_crystal_grow_comp.volume 
_exptl_crystal_grow_comp.conc 
_exptl_crystal_grow_comp.details 
1 1 1 WATER           ? ? ? 
1 2 1 'NA CACODYLATE' ? ? ? 
1 3 1 MGCL2           ? ? ? 
1 4 1 SPERMINE_HCL    ? ? ? 
1 5 2 WATER           ? ? ? 
1 6 2 MPD             ? ? ? 
# 
_diffrn.id                     1 
_diffrn.ambient_temp           295.00 
_diffrn.ambient_temp_details   ? 
_diffrn.crystal_id             1 
# 
_diffrn_detector.diffrn_id              1 
_diffrn_detector.detector               'AREA DETECTOR' 
_diffrn_detector.type                   SIEMENS-NICOLET 
_diffrn_detector.pdbx_collection_date   1995-04-01 
_diffrn_detector.details                ? 
# 
_diffrn_radiation.diffrn_id                        1 
_diffrn_radiation.wavelength_id                    1 
_diffrn_radiation.pdbx_monochromatic_or_laue_m_l   M 
_diffrn_radiation.monochromator                    ? 
_diffrn_radiation.pdbx_diffrn_protocol             ? 
_diffrn_radiation.pdbx_scattering_type             x-ray 
# 
_diffrn_radiation_wavelength.id           1 
_diffrn_radiation_wavelength.wavelength   . 
_diffrn_radiation_wavelength.wt           1.0 
# 
_diffrn_source.diffrn_id                   1 
_diffrn_source.source                      'ROTATING ANODE' 
_diffrn_source.type                        ? 
_diffrn_source.pdbx_synchrotron_site       ? 
_diffrn_source.pdbx_synchrotron_beamline   ? 
_diffrn_source.pdbx_wavelength             ? 
_diffrn_source.pdbx_wavelength_list        ? 
# 
_reflns.entry_id                     322D 
_reflns.observed_criterion_sigma_I   2.000 
_reflns.observed_criterion_sigma_F   ? 
_reflns.d_resolution_low             ? 
_reflns.d_resolution_high            2.500 
_reflns.number_obs                   1954 
_reflns.number_all                   ? 
_reflns.percent_possible_obs         71.000 
_reflns.pdbx_Rmerge_I_obs            0.036 
_reflns.pdbx_Rsym_value              ? 
_reflns.pdbx_netI_over_sigmaI        9.000 
_reflns.B_iso_Wilson_estimate        ? 
_reflns.pdbx_redundancy              ? 
_reflns.pdbx_diffrn_id               1 
_reflns.pdbx_ordinal                 1 
# 
_refine.entry_id                                 322D 
_refine.ls_number_reflns_obs                     1954 
_refine.ls_number_reflns_all                     ? 
_refine.pdbx_ls_sigma_I                          ? 
_refine.pdbx_ls_sigma_F                          1.000 
_refine.pdbx_data_cutoff_high_absF               ? 
_refine.pdbx_data_cutoff_low_absF                ? 
_refine.pdbx_data_cutoff_high_rms_absF           ? 
_refine.ls_d_res_low                             8.000 
_refine.ls_d_res_high                            2.500 
_refine.ls_percent_reflns_obs                    ? 
_refine.ls_R_factor_obs                          0.175 
_refine.ls_R_factor_all                          ? 
_refine.ls_R_factor_R_work                       0.175 
_refine.ls_R_factor_R_free                       0.19 
_refine.ls_R_factor_R_free_error                 ? 
_refine.ls_R_factor_R_free_error_details         ? 
_refine.ls_percent_reflns_R_free                 ? 
_refine.ls_number_reflns_R_free                  ? 
_refine.ls_number_parameters                     ? 
_refine.ls_number_restraints                     ? 
_refine.occupancy_min                            ? 
_refine.occupancy_max                            ? 
_refine.B_iso_mean                               ? 
_refine.aniso_B[1][1]                            ? 
_refine.aniso_B[2][2]                            ? 
_refine.aniso_B[3][3]                            ? 
_refine.aniso_B[1][2]                            ? 
_refine.aniso_B[1][3]                            ? 
_refine.aniso_B[2][3]                            ? 
_refine.solvent_model_details                    ? 
_refine.solvent_model_param_ksol                 ? 
_refine.solvent_model_param_bsol                 ? 
_refine.pdbx_ls_cross_valid_method               ? 
_refine.details                                  ? 
_refine.pdbx_starting_model                      ? 
_refine.pdbx_method_to_determine_struct          ? 
_refine.pdbx_isotropic_thermal_model             ? 
_refine.pdbx_stereochemistry_target_values       ? 
_refine.pdbx_stereochem_target_val_spec_case     ? 
_refine.pdbx_R_Free_selection_details            ? 
_refine.pdbx_overall_ESU_R                       ? 
_refine.pdbx_overall_ESU_R_Free                  ? 
_refine.overall_SU_ML                            ? 
_refine.overall_SU_B                             ? 
_refine.pdbx_refine_id                           'X-RAY DIFFRACTION' 
_refine.pdbx_diffrn_id                           1 
_refine.pdbx_TLS_residual_ADP_flag               ? 
_refine.correlation_coeff_Fo_to_Fc               ? 
_refine.correlation_coeff_Fo_to_Fc_free          ? 
_refine.pdbx_solvent_vdw_probe_radii             ? 
_refine.pdbx_solvent_ion_probe_radii             ? 
_refine.pdbx_solvent_shrinkage_radii             ? 
_refine.pdbx_overall_phase_error                 ? 
_refine.overall_SU_R_Cruickshank_DPI             ? 
_refine.pdbx_overall_SU_R_free_Cruickshank_DPI   ? 
_refine.pdbx_overall_SU_R_Blow_DPI               ? 
_refine.pdbx_overall_SU_R_free_Blow_DPI          ? 
# 
_refine_hist.pdbx_refine_id                   'X-RAY DIFFRACTION' 
_refine_hist.cycle_id                         LAST 
_refine_hist.pdbx_number_atoms_protein        0 
_refine_hist.pdbx_number_atoms_nucleic_acid   404 
_refine_hist.pdbx_number_atoms_ligand         2 
_refine_hist.number_atoms_solvent             76 
_refine_hist.number_atoms_total               482 
_refine_hist.d_res_high                       2.500 
_refine_hist.d_res_low                        8.000 
# 
loop_
_refine_ls_restr.type 
_refine_ls_restr.dev_ideal 
_refine_ls_restr.dev_ideal_target 
_refine_ls_restr.weight 
_refine_ls_restr.number 
_refine_ls_restr.pdbx_refine_id 
_refine_ls_restr.pdbx_restraint_function 
x_bond_d                0.010 ? ? ? 'X-RAY DIFFRACTION' ? 
x_bond_d_na             ?     ? ? ? 'X-RAY DIFFRACTION' ? 
x_bond_d_prot           ?     ? ? ? 'X-RAY DIFFRACTION' ? 
x_angle_d               ?     ? ? ? 'X-RAY DIFFRACTION' ? 
x_angle_d_na            ?     ? ? ? 'X-RAY DIFFRACTION' ? 
x_angle_d_prot          ?     ? ? ? 'X-RAY DIFFRACTION' ? 
x_angle_deg             1.76  ? ? ? 'X-RAY DIFFRACTION' ? 
x_angle_deg_na          ?     ? ? ? 'X-RAY DIFFRACTION' ? 
x_angle_deg_prot        ?     ? ? ? 'X-RAY DIFFRACTION' ? 
x_dihedral_angle_d      ?     ? ? ? 'X-RAY DIFFRACTION' ? 
x_dihedral_angle_d_na   ?     ? ? ? 'X-RAY DIFFRACTION' ? 
x_dihedral_angle_d_prot ?     ? ? ? 'X-RAY DIFFRACTION' ? 
x_improper_angle_d      ?     ? ? ? 'X-RAY DIFFRACTION' ? 
x_improper_angle_d_na   ?     ? ? ? 'X-RAY DIFFRACTION' ? 
x_improper_angle_d_prot ?     ? ? ? 'X-RAY DIFFRACTION' ? 
x_mcbond_it             ?     ? ? ? 'X-RAY DIFFRACTION' ? 
x_mcangle_it            ?     ? ? ? 'X-RAY DIFFRACTION' ? 
x_scbond_it             ?     ? ? ? 'X-RAY DIFFRACTION' ? 
x_scangle_it            ?     ? ? ? 'X-RAY DIFFRACTION' ? 
# 
_struct.entry_id                  322D 
_struct.title                     'CRYSTAL STRUCTURES OF D(CCGGGCCM5CGG)-HEXAGONAL FORM' 
_struct.pdbx_model_details        ? 
_struct.pdbx_CASP_flag            ? 
_struct.pdbx_model_type_details   ? 
# 
_struct_keywords.entry_id        322D 
_struct_keywords.pdbx_keywords   DNA 
_struct_keywords.text            'A-DNA, DOUBLE HELIX, MODIFIED, DNA' 
# 
loop_
_struct_asym.id 
_struct_asym.pdbx_blank_PDB_chainid_flag 
_struct_asym.pdbx_modified 
_struct_asym.entity_id 
_struct_asym.details 
A N N 1 ? 
B N N 1 ? 
C N N 2 ? 
D N N 2 ? 
# 
_struct_ref.id                         1 
_struct_ref.entity_id                  1 
_struct_ref.db_name                    PDB 
_struct_ref.db_code                    322D 
_struct_ref.pdbx_db_accession          322D 
_struct_ref.pdbx_db_isoform            ? 
_struct_ref.pdbx_seq_one_letter_code   ? 
_struct_ref.pdbx_align_begin           ? 
# 
loop_
_struct_ref_seq.align_id 
_struct_ref_seq.ref_id 
_struct_ref_seq.pdbx_PDB_id_code 
_struct_ref_seq.pdbx_strand_id 
_struct_ref_seq.seq_align_beg 
_struct_ref_seq.pdbx_seq_align_beg_ins_code 
_struct_ref_seq.seq_align_end 
_struct_ref_seq.pdbx_seq_align_end_ins_code 
_struct_ref_seq.pdbx_db_accession 
_struct_ref_seq.db_align_beg 
_struct_ref_seq.pdbx_db_align_beg_ins_code 
_struct_ref_seq.db_align_end 
_struct_ref_seq.pdbx_db_align_end_ins_code 
_struct_ref_seq.pdbx_auth_seq_align_beg 
_struct_ref_seq.pdbx_auth_seq_align_end 
1 1 322D A 1 ? 10 ? 322D 1  ? 10 ? 1  10 
2 1 322D B 1 ? 10 ? 322D 11 ? 20 ? 11 20 
# 
_pdbx_struct_assembly.id                   1 
_pdbx_struct_assembly.details              author_defined_assembly 
_pdbx_struct_assembly.method_details       ? 
_pdbx_struct_assembly.oligomeric_details   dimeric 
_pdbx_struct_assembly.oligomeric_count     2 
# 
_pdbx_struct_assembly_gen.assembly_id       1 
_pdbx_struct_assembly_gen.oper_expression   1 
_pdbx_struct_assembly_gen.asym_id_list      A,B,C,D 
# 
_pdbx_struct_oper_list.id                   1 
_pdbx_struct_oper_list.type                 'identity operation' 
_pdbx_struct_oper_list.name                 1_555 
_pdbx_struct_oper_list.symmetry_operation   x,y,z 
_pdbx_struct_oper_list.matrix[1][1]         1.0000000000 
_pdbx_struct_oper_list.matrix[1][2]         0.0000000000 
_pdbx_struct_oper_list.matrix[1][3]         0.0000000000 
_pdbx_struct_oper_list.vector[1]            0.0000000000 
_pdbx_struct_oper_list.matrix[2][1]         0.0000000000 
_pdbx_struct_oper_list.matrix[2][2]         1.0000000000 
_pdbx_struct_oper_list.matrix[2][3]         0.0000000000 
_pdbx_struct_oper_list.vector[2]            0.0000000000 
_pdbx_struct_oper_list.matrix[3][1]         0.0000000000 
_pdbx_struct_oper_list.matrix[3][2]         0.0000000000 
_pdbx_struct_oper_list.matrix[3][3]         1.0000000000 
_pdbx_struct_oper_list.vector[3]            0.0000000000 
# 
_struct_biol.id   1 
# 
loop_
_struct_conn.id 
_struct_conn.conn_type_id 
_struct_conn.pdbx_leaving_atom_flag 
_struct_conn.pdbx_PDB_id 
_struct_conn.ptnr1_label_asym_id 
_struct_conn.ptnr1_label_comp_id 
_struct_conn.ptnr1_label_seq_id 
_struct_conn.ptnr1_label_atom_id 
_struct_conn.pdbx_ptnr1_label_alt_id 
_struct_conn.pdbx_ptnr1_PDB_ins_code 
_struct_conn.pdbx_ptnr1_standard_comp_id 
_struct_conn.ptnr1_symmetry 
_struct_conn.ptnr2_label_asym_id 
_struct_conn.ptnr2_label_comp_id 
_struct_conn.ptnr2_label_seq_id 
_struct_conn.ptnr2_label_atom_id 
_struct_conn.pdbx_ptnr2_label_alt_id 
_struct_conn.pdbx_ptnr2_PDB_ins_code 
_struct_conn.ptnr1_auth_asym_id 
_struct_conn.ptnr1_auth_comp_id 
_struct_conn.ptnr1_auth_seq_id 
_struct_conn.ptnr2_auth_asym_id 
_struct_conn.ptnr2_auth_comp_id 
_struct_conn.ptnr2_auth_seq_id 
_struct_conn.ptnr2_symmetry 
_struct_conn.pdbx_ptnr3_label_atom_id 
_struct_conn.pdbx_ptnr3_label_seq_id 
_struct_conn.pdbx_ptnr3_label_comp_id 
_struct_conn.pdbx_ptnr3_label_asym_id 
_struct_conn.pdbx_ptnr3_label_alt_id 
_struct_conn.pdbx_ptnr3_PDB_ins_code 
_struct_conn.details 
_struct_conn.pdbx_dist_value 
_struct_conn.pdbx_value_order 
_struct_conn.pdbx_role 
covale1  covale both ? A DC  7  "O3'" ? ? ? 1_555 A 5CM 8  P  ? ? A DC  7  A 5CM 8  1_555 ? ? ? ? ? ? ?            1.603 ? ? 
covale2  covale both ? A 5CM 8  "O3'" ? ? ? 1_555 A DG  9  P  ? ? A 5CM 8  A DG  9  1_555 ? ? ? ? ? ? ?            1.605 ? ? 
covale3  covale both ? B DC  7  "O3'" ? ? ? 1_555 B 5CM 8  P  ? ? B DC  17 B 5CM 18 1_555 ? ? ? ? ? ? ?            1.595 ? ? 
covale4  covale both ? B 5CM 8  "O3'" ? ? ? 1_555 B DG  9  P  ? ? B 5CM 18 B DG  19 1_555 ? ? ? ? ? ? ?            1.599 ? ? 
hydrog1  hydrog ?    ? A DC  1  N3    ? ? ? 1_555 B DG  10 N1 ? ? A DC  1  B DG  20 1_555 ? ? ? ? ? ? WATSON-CRICK ?     ? ? 
hydrog2  hydrog ?    ? A DC  1  N4    ? ? ? 1_555 B DG  10 O6 ? ? A DC  1  B DG  20 1_555 ? ? ? ? ? ? WATSON-CRICK ?     ? ? 
hydrog3  hydrog ?    ? A DC  1  O2    ? ? ? 1_555 B DG  10 N2 ? ? A DC  1  B DG  20 1_555 ? ? ? ? ? ? WATSON-CRICK ?     ? ? 
hydrog4  hydrog ?    ? A DC  2  N3    ? ? ? 1_555 B DG  9  N1 ? ? A DC  2  B DG  19 1_555 ? ? ? ? ? ? WATSON-CRICK ?     ? ? 
hydrog5  hydrog ?    ? A DC  2  N4    ? ? ? 1_555 B DG  9  O6 ? ? A DC  2  B DG  19 1_555 ? ? ? ? ? ? WATSON-CRICK ?     ? ? 
hydrog6  hydrog ?    ? A DC  2  O2    ? ? ? 1_555 B DG  9  N2 ? ? A DC  2  B DG  19 1_555 ? ? ? ? ? ? WATSON-CRICK ?     ? ? 
hydrog7  hydrog ?    ? A DG  3  N1    ? ? ? 1_555 B 5CM 8  N3 ? ? A DG  3  B 5CM 18 1_555 ? ? ? ? ? ? WATSON-CRICK ?     ? ? 
hydrog8  hydrog ?    ? A DG  3  N2    ? ? ? 1_555 B 5CM 8  O2 ? ? A DG  3  B 5CM 18 1_555 ? ? ? ? ? ? WATSON-CRICK ?     ? ? 
hydrog9  hydrog ?    ? A DG  3  O6    ? ? ? 1_555 B 5CM 8  N4 ? ? A DG  3  B 5CM 18 1_555 ? ? ? ? ? ? WATSON-CRICK ?     ? ? 
hydrog10 hydrog ?    ? A DG  4  N1    ? ? ? 1_555 B DC  7  N3 ? ? A DG  4  B DC  17 1_555 ? ? ? ? ? ? WATSON-CRICK ?     ? ? 
hydrog11 hydrog ?    ? A DG  4  N2    ? ? ? 1_555 B DC  7  O2 ? ? A DG  4  B DC  17 1_555 ? ? ? ? ? ? WATSON-CRICK ?     ? ? 
hydrog12 hydrog ?    ? A DG  4  O6    ? ? ? 1_555 B DC  7  N4 ? ? A DG  4  B DC  17 1_555 ? ? ? ? ? ? WATSON-CRICK ?     ? ? 
hydrog13 hydrog ?    ? A DG  5  N1    ? ? ? 1_555 B DC  6  N3 ? ? A DG  5  B DC  16 1_555 ? ? ? ? ? ? WATSON-CRICK ?     ? ? 
hydrog14 hydrog ?    ? A DG  5  N2    ? ? ? 1_555 B DC  6  O2 ? ? A DG  5  B DC  16 1_555 ? ? ? ? ? ? WATSON-CRICK ?     ? ? 
hydrog15 hydrog ?    ? A DG  5  O6    ? ? ? 1_555 B DC  6  N4 ? ? A DG  5  B DC  16 1_555 ? ? ? ? ? ? WATSON-CRICK ?     ? ? 
hydrog16 hydrog ?    ? A DC  6  N3    ? ? ? 1_555 B DG  5  N1 ? ? A DC  6  B DG  15 1_555 ? ? ? ? ? ? WATSON-CRICK ?     ? ? 
hydrog17 hydrog ?    ? A DC  6  N4    ? ? ? 1_555 B DG  5  O6 ? ? A DC  6  B DG  15 1_555 ? ? ? ? ? ? WATSON-CRICK ?     ? ? 
hydrog18 hydrog ?    ? A DC  6  O2    ? ? ? 1_555 B DG  5  N2 ? ? A DC  6  B DG  15 1_555 ? ? ? ? ? ? WATSON-CRICK ?     ? ? 
hydrog19 hydrog ?    ? A DC  7  N3    ? ? ? 1_555 B DG  4  N1 ? ? A DC  7  B DG  14 1_555 ? ? ? ? ? ? WATSON-CRICK ?     ? ? 
hydrog20 hydrog ?    ? A DC  7  N4    ? ? ? 1_555 B DG  4  O6 ? ? A DC  7  B DG  14 1_555 ? ? ? ? ? ? WATSON-CRICK ?     ? ? 
hydrog21 hydrog ?    ? A DC  7  O2    ? ? ? 1_555 B DG  4  N2 ? ? A DC  7  B DG  14 1_555 ? ? ? ? ? ? WATSON-CRICK ?     ? ? 
hydrog22 hydrog ?    ? A 5CM 8  N3    ? ? ? 1_555 B DG  3  N1 ? ? A 5CM 8  B DG  13 1_555 ? ? ? ? ? ? WATSON-CRICK ?     ? ? 
hydrog23 hydrog ?    ? A 5CM 8  N4    ? ? ? 1_555 B DG  3  O6 ? ? A 5CM 8  B DG  13 1_555 ? ? ? ? ? ? WATSON-CRICK ?     ? ? 
hydrog24 hydrog ?    ? A 5CM 8  O2    ? ? ? 1_555 B DG  3  N2 ? ? A 5CM 8  B DG  13 1_555 ? ? ? ? ? ? WATSON-CRICK ?     ? ? 
hydrog25 hydrog ?    ? A DG  9  N1    ? ? ? 1_555 B DC  2  N3 ? ? A DG  9  B DC  12 1_555 ? ? ? ? ? ? WATSON-CRICK ?     ? ? 
hydrog26 hydrog ?    ? A DG  9  N2    ? ? ? 1_555 B DC  2  O2 ? ? A DG  9  B DC  12 1_555 ? ? ? ? ? ? WATSON-CRICK ?     ? ? 
hydrog27 hydrog ?    ? A DG  9  O6    ? ? ? 1_555 B DC  2  N4 ? ? A DG  9  B DC  12 1_555 ? ? ? ? ? ? WATSON-CRICK ?     ? ? 
hydrog28 hydrog ?    ? A DG  10 N1    ? ? ? 1_555 B DC  1  N3 ? ? A DG  10 B DC  11 1_555 ? ? ? ? ? ? WATSON-CRICK ?     ? ? 
hydrog29 hydrog ?    ? A DG  10 N2    ? ? ? 1_555 B DC  1  O2 ? ? A DG  10 B DC  11 1_555 ? ? ? ? ? ? WATSON-CRICK ?     ? ? 
hydrog30 hydrog ?    ? A DG  10 O6    ? ? ? 1_555 B DC  1  N4 ? ? A DG  10 B DC  11 1_555 ? ? ? ? ? ? WATSON-CRICK ?     ? ? 
# 
loop_
_struct_conn_type.id 
_struct_conn_type.criteria 
_struct_conn_type.reference 
covale ? ? 
hydrog ? ? 
# 
loop_
_pdbx_validate_rmsd_angle.id 
_pdbx_validate_rmsd_angle.PDB_model_num 
_pdbx_validate_rmsd_angle.auth_atom_id_1 
_pdbx_validate_rmsd_angle.auth_asym_id_1 
_pdbx_validate_rmsd_angle.auth_comp_id_1 
_pdbx_validate_rmsd_angle.auth_seq_id_1 
_pdbx_validate_rmsd_angle.PDB_ins_code_1 
_pdbx_validate_rmsd_angle.label_alt_id_1 
_pdbx_validate_rmsd_angle.auth_atom_id_2 
_pdbx_validate_rmsd_angle.auth_asym_id_2 
_pdbx_validate_rmsd_angle.auth_comp_id_2 
_pdbx_validate_rmsd_angle.auth_seq_id_2 
_pdbx_validate_rmsd_angle.PDB_ins_code_2 
_pdbx_validate_rmsd_angle.label_alt_id_2 
_pdbx_validate_rmsd_angle.auth_atom_id_3 
_pdbx_validate_rmsd_angle.auth_asym_id_3 
_pdbx_validate_rmsd_angle.auth_comp_id_3 
_pdbx_validate_rmsd_angle.auth_seq_id_3 
_pdbx_validate_rmsd_angle.PDB_ins_code_3 
_pdbx_validate_rmsd_angle.label_alt_id_3 
_pdbx_validate_rmsd_angle.angle_value 
_pdbx_validate_rmsd_angle.angle_target_value 
_pdbx_validate_rmsd_angle.angle_deviation 
_pdbx_validate_rmsd_angle.angle_standard_deviation 
_pdbx_validate_rmsd_angle.linker_flag 
1  1 "O4'" A DC 1  ? ? "C1'" A DC 1  ? ? N1    A DC 1  ? ? 113.44 108.30 5.14  0.30 N 
2  1 N1    A DC 1  ? ? C2    A DC 1  ? ? O2    A DC 1  ? ? 122.76 118.90 3.86  0.60 N 
3  1 "C4'" A DC 2  ? ? "C3'" A DC 2  ? ? "C2'" A DC 2  ? ? 97.75  102.20 -4.45 0.70 N 
4  1 "O4'" A DC 2  ? ? "C1'" A DC 2  ? ? N1    A DC 2  ? ? 114.49 108.30 6.19  0.30 N 
5  1 "O4'" A DG 3  ? ? "C1'" A DG 3  ? ? N9    A DG 3  ? ? 112.87 108.30 4.57  0.30 N 
6  1 "O4'" A DG 4  ? ? "C1'" A DG 4  ? ? N9    A DG 4  ? ? 112.56 108.30 4.26  0.30 N 
7  1 "O4'" A DG 5  ? ? "C1'" A DG 5  ? ? N9    A DG 5  ? ? 112.96 108.30 4.66  0.30 N 
8  1 "O4'" A DC 6  ? ? "C1'" A DC 6  ? ? N1    A DC 6  ? ? 113.68 108.30 5.38  0.30 N 
9  1 "O4'" A DC 7  ? ? "C1'" A DC 7  ? ? N1    A DC 7  ? ? 112.91 108.30 4.61  0.30 N 
10 1 "O4'" A DG 9  ? ? "C1'" A DG 9  ? ? N9    A DG 9  ? ? 113.42 108.30 5.12  0.30 N 
11 1 "O4'" A DG 10 ? ? "C1'" A DG 10 ? ? N9    A DG 10 ? ? 111.19 108.30 2.89  0.30 N 
12 1 "C1'" B DC 11 ? ? "O4'" B DC 11 ? ? "C4'" B DC 11 ? ? 101.98 110.10 -8.12 1.00 N 
13 1 "O4'" B DC 11 ? ? "C1'" B DC 11 ? ? N1    B DC 11 ? ? 111.91 108.30 3.61  0.30 N 
14 1 "C3'" B DC 11 ? ? "O3'" B DC 11 ? ? P     B DC 12 ? ? 131.20 119.70 11.50 1.20 Y 
15 1 "O4'" B DC 12 ? ? "C1'" B DC 12 ? ? N1    B DC 12 ? ? 115.01 108.30 6.71  0.30 N 
16 1 "O4'" B DG 14 ? ? "C1'" B DG 14 ? ? N9    B DG 14 ? ? 111.20 108.30 2.90  0.30 N 
17 1 "O4'" B DC 16 ? ? "C1'" B DC 16 ? ? N1    B DC 16 ? ? 111.76 108.30 3.46  0.30 N 
18 1 "O4'" B DC 17 ? ? "C1'" B DC 17 ? ? N1    B DC 17 ? ? 112.74 108.30 4.44  0.30 N 
19 1 "O4'" B DG 19 ? ? "C1'" B DG 19 ? ? N9    B DG 19 ? ? 113.09 108.30 4.79  0.30 N 
20 1 "O4'" B DG 20 ? ? "C1'" B DG 20 ? ? N9    B DG 20 ? ? 114.12 108.30 5.82  0.30 N 
# 
loop_
_pdbx_struct_mod_residue.id 
_pdbx_struct_mod_residue.label_asym_id 
_pdbx_struct_mod_residue.label_comp_id 
_pdbx_struct_mod_residue.label_seq_id 
_pdbx_struct_mod_residue.auth_asym_id 
_pdbx_struct_mod_residue.auth_comp_id 
_pdbx_struct_mod_residue.auth_seq_id 
_pdbx_struct_mod_residue.PDB_ins_code 
_pdbx_struct_mod_residue.parent_comp_id 
_pdbx_struct_mod_residue.details 
1 A 5CM 8 A 5CM 8  ? DC ? 
2 B 5CM 8 B 5CM 18 ? DC ? 
# 
loop_
_refine_B_iso.class 
_refine_B_iso.details 
_refine_B_iso.treatment 
_refine_B_iso.pdbx_refine_id 
'ALL ATOMS'  TR isotropic 'X-RAY DIFFRACTION' 
'ALL WATERS' TR isotropic 'X-RAY DIFFRACTION' 
# 
loop_
_refine_occupancy.class 
_refine_occupancy.treatment 
_refine_occupancy.pdbx_refine_id 
'ALL ATOMS'  fix 'X-RAY DIFFRACTION' 
'ALL WATERS' fix 'X-RAY DIFFRACTION' 
# 
loop_
_chem_comp_atom.comp_id 
_chem_comp_atom.atom_id 
_chem_comp_atom.type_symbol 
_chem_comp_atom.pdbx_aromatic_flag 
_chem_comp_atom.pdbx_stereo_config 
_chem_comp_atom.pdbx_ordinal 
5CM N1     N N N 1   
5CM C2     C N N 2   
5CM N3     N N N 3   
5CM C4     C N N 4   
5CM C5     C N N 5   
5CM C5A    C N N 6   
5CM C6     C N N 7   
5CM O2     O N N 8   
5CM N4     N N N 9   
5CM "C1'"  C N R 10  
5CM "C2'"  C N N 11  
5CM "C3'"  C N S 12  
5CM "C4'"  C N R 13  
5CM "O4'"  O N N 14  
5CM "O3'"  O N N 15  
5CM "C5'"  C N N 16  
5CM "O5'"  O N N 17  
5CM P      P N N 18  
5CM OP1    O N N 19  
5CM OP2    O N N 20  
5CM OP3    O N N 21  
5CM H5A1   H N N 22  
5CM H5A2   H N N 23  
5CM H5A3   H N N 24  
5CM H6     H N N 25  
5CM HN41   H N N 26  
5CM HN42   H N N 27  
5CM "H1'"  H N N 28  
5CM "H2'"  H N N 29  
5CM "H2''" H N N 30  
5CM "H3'"  H N N 31  
5CM "H4'"  H N N 32  
5CM "HO3'" H N N 33  
5CM "H5'"  H N N 34  
5CM "H5''" H N N 35  
5CM HOP2   H N N 36  
5CM HOP3   H N N 37  
DC  OP3    O N N 38  
DC  P      P N N 39  
DC  OP1    O N N 40  
DC  OP2    O N N 41  
DC  "O5'"  O N N 42  
DC  "C5'"  C N N 43  
DC  "C4'"  C N R 44  
DC  "O4'"  O N N 45  
DC  "C3'"  C N S 46  
DC  "O3'"  O N N 47  
DC  "C2'"  C N N 48  
DC  "C1'"  C N R 49  
DC  N1     N N N 50  
DC  C2     C N N 51  
DC  O2     O N N 52  
DC  N3     N N N 53  
DC  C4     C N N 54  
DC  N4     N N N 55  
DC  C5     C N N 56  
DC  C6     C N N 57  
DC  HOP3   H N N 58  
DC  HOP2   H N N 59  
DC  "H5'"  H N N 60  
DC  "H5''" H N N 61  
DC  "H4'"  H N N 62  
DC  "H3'"  H N N 63  
DC  "HO3'" H N N 64  
DC  "H2'"  H N N 65  
DC  "H2''" H N N 66  
DC  "H1'"  H N N 67  
DC  H41    H N N 68  
DC  H42    H N N 69  
DC  H5     H N N 70  
DC  H6     H N N 71  
DG  OP3    O N N 72  
DG  P      P N N 73  
DG  OP1    O N N 74  
DG  OP2    O N N 75  
DG  "O5'"  O N N 76  
DG  "C5'"  C N N 77  
DG  "C4'"  C N R 78  
DG  "O4'"  O N N 79  
DG  "C3'"  C N S 80  
DG  "O3'"  O N N 81  
DG  "C2'"  C N N 82  
DG  "C1'"  C N R 83  
DG  N9     N Y N 84  
DG  C8     C Y N 85  
DG  N7     N Y N 86  
DG  C5     C Y N 87  
DG  C6     C N N 88  
DG  O6     O N N 89  
DG  N1     N N N 90  
DG  C2     C N N 91  
DG  N2     N N N 92  
DG  N3     N N N 93  
DG  C4     C Y N 94  
DG  HOP3   H N N 95  
DG  HOP2   H N N 96  
DG  "H5'"  H N N 97  
DG  "H5''" H N N 98  
DG  "H4'"  H N N 99  
DG  "H3'"  H N N 100 
DG  "HO3'" H N N 101 
DG  "H2'"  H N N 102 
DG  "H2''" H N N 103 
DG  "H1'"  H N N 104 
DG  H8     H N N 105 
DG  H1     H N N 106 
DG  H21    H N N 107 
DG  H22    H N N 108 
HOH O      O N N 109 
HOH H1     H N N 110 
HOH H2     H N N 111 
# 
loop_
_chem_comp_bond.comp_id 
_chem_comp_bond.atom_id_1 
_chem_comp_bond.atom_id_2 
_chem_comp_bond.value_order 
_chem_comp_bond.pdbx_aromatic_flag 
_chem_comp_bond.pdbx_stereo_config 
_chem_comp_bond.pdbx_ordinal 
5CM N1    C2     sing N N 1   
5CM N1    C6     sing N N 2   
5CM N1    "C1'"  sing N N 3   
5CM C2    N3     sing N N 4   
5CM C2    O2     doub N N 5   
5CM N3    C4     doub N N 6   
5CM C4    C5     sing N N 7   
5CM C4    N4     sing N N 8   
5CM C5    C5A    sing N N 9   
5CM C5    C6     doub N N 10  
5CM C5A   H5A1   sing N N 11  
5CM C5A   H5A2   sing N N 12  
5CM C5A   H5A3   sing N N 13  
5CM C6    H6     sing N N 14  
5CM N4    HN41   sing N N 15  
5CM N4    HN42   sing N N 16  
5CM "C1'" "C2'"  sing N N 17  
5CM "C1'" "O4'"  sing N N 18  
5CM "C1'" "H1'"  sing N N 19  
5CM "C2'" "C3'"  sing N N 20  
5CM "C2'" "H2'"  sing N N 21  
5CM "C2'" "H2''" sing N N 22  
5CM "C3'" "C4'"  sing N N 23  
5CM "C3'" "O3'"  sing N N 24  
5CM "C3'" "H3'"  sing N N 25  
5CM "C4'" "O4'"  sing N N 26  
5CM "C4'" "C5'"  sing N N 27  
5CM "C4'" "H4'"  sing N N 28  
5CM "O3'" "HO3'" sing N N 29  
5CM "C5'" "O5'"  sing N N 30  
5CM "C5'" "H5'"  sing N N 31  
5CM "C5'" "H5''" sing N N 32  
5CM "O5'" P      sing N N 33  
5CM P     OP1    doub N N 34  
5CM P     OP2    sing N N 35  
5CM P     OP3    sing N N 36  
5CM OP2   HOP2   sing N N 37  
5CM OP3   HOP3   sing N N 38  
DC  OP3   P      sing N N 39  
DC  OP3   HOP3   sing N N 40  
DC  P     OP1    doub N N 41  
DC  P     OP2    sing N N 42  
DC  P     "O5'"  sing N N 43  
DC  OP2   HOP2   sing N N 44  
DC  "O5'" "C5'"  sing N N 45  
DC  "C5'" "C4'"  sing N N 46  
DC  "C5'" "H5'"  sing N N 47  
DC  "C5'" "H5''" sing N N 48  
DC  "C4'" "O4'"  sing N N 49  
DC  "C4'" "C3'"  sing N N 50  
DC  "C4'" "H4'"  sing N N 51  
DC  "O4'" "C1'"  sing N N 52  
DC  "C3'" "O3'"  sing N N 53  
DC  "C3'" "C2'"  sing N N 54  
DC  "C3'" "H3'"  sing N N 55  
DC  "O3'" "HO3'" sing N N 56  
DC  "C2'" "C1'"  sing N N 57  
DC  "C2'" "H2'"  sing N N 58  
DC  "C2'" "H2''" sing N N 59  
DC  "C1'" N1     sing N N 60  
DC  "C1'" "H1'"  sing N N 61  
DC  N1    C2     sing N N 62  
DC  N1    C6     sing N N 63  
DC  C2    O2     doub N N 64  
DC  C2    N3     sing N N 65  
DC  N3    C4     doub N N 66  
DC  C4    N4     sing N N 67  
DC  C4    C5     sing N N 68  
DC  N4    H41    sing N N 69  
DC  N4    H42    sing N N 70  
DC  C5    C6     doub N N 71  
DC  C5    H5     sing N N 72  
DC  C6    H6     sing N N 73  
DG  OP3   P      sing N N 74  
DG  OP3   HOP3   sing N N 75  
DG  P     OP1    doub N N 76  
DG  P     OP2    sing N N 77  
DG  P     "O5'"  sing N N 78  
DG  OP2   HOP2   sing N N 79  
DG  "O5'" "C5'"  sing N N 80  
DG  "C5'" "C4'"  sing N N 81  
DG  "C5'" "H5'"  sing N N 82  
DG  "C5'" "H5''" sing N N 83  
DG  "C4'" "O4'"  sing N N 84  
DG  "C4'" "C3'"  sing N N 85  
DG  "C4'" "H4'"  sing N N 86  
DG  "O4'" "C1'"  sing N N 87  
DG  "C3'" "O3'"  sing N N 88  
DG  "C3'" "C2'"  sing N N 89  
DG  "C3'" "H3'"  sing N N 90  
DG  "O3'" "HO3'" sing N N 91  
DG  "C2'" "C1'"  sing N N 92  
DG  "C2'" "H2'"  sing N N 93  
DG  "C2'" "H2''" sing N N 94  
DG  "C1'" N9     sing N N 95  
DG  "C1'" "H1'"  sing N N 96  
DG  N9    C8     sing Y N 97  
DG  N9    C4     sing Y N 98  
DG  C8    N7     doub Y N 99  
DG  C8    H8     sing N N 100 
DG  N7    C5     sing Y N 101 
DG  C5    C6     sing N N 102 
DG  C5    C4     doub Y N 103 
DG  C6    O6     doub N N 104 
DG  C6    N1     sing N N 105 
DG  N1    C2     sing N N 106 
DG  N1    H1     sing N N 107 
DG  C2    N2     sing N N 108 
DG  C2    N3     doub N N 109 
DG  N2    H21    sing N N 110 
DG  N2    H22    sing N N 111 
DG  N3    C4     sing N N 112 
HOH O     H1     sing N N 113 
HOH O     H2     sing N N 114 
# 
_ndb_struct_conf_na.entry_id   322D 
_ndb_struct_conf_na.feature    'a-form double helix' 
# 
loop_
_ndb_struct_na_base_pair.model_number 
_ndb_struct_na_base_pair.i_label_asym_id 
_ndb_struct_na_base_pair.i_label_comp_id 
_ndb_struct_na_base_pair.i_label_seq_id 
_ndb_struct_na_base_pair.i_symmetry 
_ndb_struct_na_base_pair.j_label_asym_id 
_ndb_struct_na_base_pair.j_label_comp_id 
_ndb_struct_na_base_pair.j_label_seq_id 
_ndb_struct_na_base_pair.j_symmetry 
_ndb_struct_na_base_pair.shear 
_ndb_struct_na_base_pair.stretch 
_ndb_struct_na_base_pair.stagger 
_ndb_struct_na_base_pair.buckle 
_ndb_struct_na_base_pair.propeller 
_ndb_struct_na_base_pair.opening 
_ndb_struct_na_base_pair.pair_number 
_ndb_struct_na_base_pair.pair_name 
_ndb_struct_na_base_pair.i_auth_asym_id 
_ndb_struct_na_base_pair.i_auth_seq_id 
_ndb_struct_na_base_pair.i_PDB_ins_code 
_ndb_struct_na_base_pair.j_auth_asym_id 
_ndb_struct_na_base_pair.j_auth_seq_id 
_ndb_struct_na_base_pair.j_PDB_ins_code 
_ndb_struct_na_base_pair.hbond_type_28 
_ndb_struct_na_base_pair.hbond_type_12 
1 A DC  1  1_555 B DG  10 1_555 0.123  -0.054 0.434  -8.670  1.180   -5.897 1  A_DC1:DG20_B  A 1  ? B 20 ? 19 1 
1 A DC  2  1_555 B DG  9  1_555 0.509  -0.088 -0.145 10.260  -13.643 0.341  2  A_DC2:DG19_B  A 2  ? B 19 ? 19 1 
1 A DG  3  1_555 B 5CM 8  1_555 -0.116 -0.131 -0.122 -7.427  -12.962 2.032  3  A_DG3:5CM18_B A 3  ? B 18 ? 19 1 
1 A DG  4  1_555 B DC  7  1_555 -0.464 -0.294 0.063  -5.141  -10.303 -0.501 4  A_DG4:DC17_B  A 4  ? B 17 ? 19 1 
1 A DG  5  1_555 B DC  6  1_555 -0.186 -0.265 -0.223 -5.981  -13.958 -3.642 5  A_DG5:DC16_B  A 5  ? B 16 ? 19 1 
1 A DC  6  1_555 B DG  5  1_555 0.129  -0.240 0.101  6.178   -11.866 -2.772 6  A_DC6:DG15_B  A 6  ? B 15 ? 19 1 
1 A DC  7  1_555 B DG  4  1_555 0.105  -0.153 -0.305 0.494   -4.284  1.413  7  A_DC7:DG14_B  A 7  ? B 14 ? 19 1 
1 A 5CM 8  1_555 B DG  3  1_555 -0.298 -0.173 -0.351 10.128  -5.823  -5.226 8  A_5CM8:DG13_B A 8  ? B 13 ? 19 1 
1 A DG  9  1_555 B DC  2  1_555 -0.280 -0.170 -0.266 -4.537  -14.120 -3.545 9  A_DG9:DC12_B  A 9  ? B 12 ? 19 1 
1 A DG  10 1_555 B DC  1  1_555 -0.346 -0.302 -0.901 -19.658 4.779   -7.195 10 A_DG10:DC11_B A 10 ? B 11 ? 19 1 
# 
loop_
_ndb_struct_na_base_pair_step.model_number 
_ndb_struct_na_base_pair_step.i_label_asym_id_1 
_ndb_struct_na_base_pair_step.i_label_comp_id_1 
_ndb_struct_na_base_pair_step.i_label_seq_id_1 
_ndb_struct_na_base_pair_step.i_symmetry_1 
_ndb_struct_na_base_pair_step.j_label_asym_id_1 
_ndb_struct_na_base_pair_step.j_label_comp_id_1 
_ndb_struct_na_base_pair_step.j_label_seq_id_1 
_ndb_struct_na_base_pair_step.j_symmetry_1 
_ndb_struct_na_base_pair_step.i_label_asym_id_2 
_ndb_struct_na_base_pair_step.i_label_comp_id_2 
_ndb_struct_na_base_pair_step.i_label_seq_id_2 
_ndb_struct_na_base_pair_step.i_symmetry_2 
_ndb_struct_na_base_pair_step.j_label_asym_id_2 
_ndb_struct_na_base_pair_step.j_label_comp_id_2 
_ndb_struct_na_base_pair_step.j_label_seq_id_2 
_ndb_struct_na_base_pair_step.j_symmetry_2 
_ndb_struct_na_base_pair_step.shift 
_ndb_struct_na_base_pair_step.slide 
_ndb_struct_na_base_pair_step.rise 
_ndb_struct_na_base_pair_step.tilt 
_ndb_struct_na_base_pair_step.roll 
_ndb_struct_na_base_pair_step.twist 
_ndb_struct_na_base_pair_step.x_displacement 
_ndb_struct_na_base_pair_step.y_displacement 
_ndb_struct_na_base_pair_step.helical_rise 
_ndb_struct_na_base_pair_step.inclination 
_ndb_struct_na_base_pair_step.tip 
_ndb_struct_na_base_pair_step.helical_twist 
_ndb_struct_na_base_pair_step.step_number 
_ndb_struct_na_base_pair_step.step_name 
_ndb_struct_na_base_pair_step.i_auth_asym_id_1 
_ndb_struct_na_base_pair_step.i_auth_seq_id_1 
_ndb_struct_na_base_pair_step.i_PDB_ins_code_1 
_ndb_struct_na_base_pair_step.j_auth_asym_id_1 
_ndb_struct_na_base_pair_step.j_auth_seq_id_1 
_ndb_struct_na_base_pair_step.j_PDB_ins_code_1 
_ndb_struct_na_base_pair_step.i_auth_asym_id_2 
_ndb_struct_na_base_pair_step.i_auth_seq_id_2 
_ndb_struct_na_base_pair_step.i_PDB_ins_code_2 
_ndb_struct_na_base_pair_step.j_auth_asym_id_2 
_ndb_struct_na_base_pair_step.j_auth_seq_id_2 
_ndb_struct_na_base_pair_step.j_PDB_ins_code_2 
1 A DC  1 1_555 B DG  10 1_555 A DC  2  1_555 B DG  9 1_555 -0.076 -1.934 2.671 2.967  3.708  29.601 -4.336 0.625  2.397 7.199  
-5.760  29.971 1 AA_DC1DC2:DG19DG20_BB  A 1 ? B 20 ? A 2  ? B 19 ? 
1 A DC  2 1_555 B DG  9  1_555 A DG  3  1_555 B 5CM 8 1_555 0.069  -1.387 3.786 -1.732 9.880  31.305 -4.309 -0.447 3.204 17.747 
3.111   32.834 2 AA_DC2DG3:5CM18DG19_BB A 2 ? B 19 ? A 3  ? B 18 ? 
1 A DG  3 1_555 B 5CM 8  1_555 A DG  4  1_555 B DC  7 1_555 -0.013 -1.760 3.226 -3.089 6.168  28.272 -4.764 -0.605 2.774 12.394 
6.208   29.085 3 AA_DG3DG4:DC175CM18_BB A 3 ? B 18 ? A 4  ? B 17 ? 
1 A DG  4 1_555 B DC  7  1_555 A DG  5  1_555 B DC  6 1_555 -1.245 -1.238 3.362 -0.921 7.419  34.538 -3.132 1.918  3.070 12.317 
1.529   35.314 4 AA_DG4DG5:DC16DC17_BB  A 4 ? B 17 ? A 5  ? B 16 ? 
1 A DG  5 1_555 B DC  6  1_555 A DC  6  1_555 B DG  5 1_555 1.355  -1.857 3.017 1.006  4.291  30.036 -4.314 -2.409 2.774 8.223  
-1.928  30.350 5 AA_DG5DC6:DG15DC16_BB  A 5 ? B 16 ? A 6  ? B 15 ? 
1 A DC  6 1_555 B DG  5  1_555 A DC  7  1_555 B DG  4 1_555 0.164  -1.843 3.597 1.839  -2.376 30.110 -2.992 0.104  3.731 -4.559 
-3.529  30.256 6 AA_DC6DC7:DG14DG15_BB  A 6 ? B 15 ? A 7  ? B 14 ? 
1 A DC  7 1_555 B DG  4  1_555 A 5CM 8  1_555 B DG  3 1_555 -1.167 -2.010 3.201 -0.483 5.179  28.571 -5.067 2.230  2.819 10.385 
0.968   29.031 7 AA_DC75CM8:DG13DG14_BB A 7 ? B 14 ? A 8  ? B 13 ? 
1 A 5CM 8 1_555 B DG  3  1_555 A DG  9  1_555 B DC  2 1_555 1.305  -1.895 3.699 2.763  14.522 25.234 -6.936 -1.986 2.401 30.165 
-5.740  29.184 8 AA_5CM8DG9:DC12DG13_BB A 8 ? B 13 ? A 9  ? B 12 ? 
1 A DG  9 1_555 B DC  2  1_555 A DG  10 1_555 B DC  1 1_555 0.367  -1.673 3.896 8.107  3.777  32.753 -3.582 0.904  3.670 6.547  
-14.052 33.919 9 AA_DG9DG10:DC11DC12_BB A 9 ? B 12 ? A 10 ? B 11 ? 
# 
_atom_sites.entry_id                    322D 
_atom_sites.fract_transf_matrix[1][1]   0.00117083 
_atom_sites.fract_transf_matrix[1][2]   0.01656149 
_atom_sites.fract_transf_matrix[1][3]   -0.01283159 
_atom_sites.fract_transf_matrix[2][1]   -0.01710779 
_atom_sites.fract_transf_matrix[2][2]   0.00659876 
_atom_sites.fract_transf_matrix[2][3]   -0.01020128 
_atom_sites.fract_transf_matrix[3][1]   -0.00481736 
_atom_sites.fract_transf_matrix[3][2]   0.01323093 
_atom_sites.fract_transf_matrix[3][3]   0.01663734 
_atom_sites.fract_transf_vector[1]      0.545550 
_atom_sites.fract_transf_vector[2]      -0.048508 
_atom_sites.fract_transf_vector[3]      0.197072 
# 
loop_
_atom_type.symbol 
C 
N 
O 
P 
# 
loop_
_atom_site.group_PDB 
_atom_site.id 
_atom_site.type_symbol 
_atom_site.label_atom_id 
_atom_site.label_alt_id 
_atom_site.label_comp_id 
_atom_site.label_asym_id 
_atom_site.label_entity_id 
_atom_site.label_seq_id 
_atom_site.pdbx_PDB_ins_code 
_atom_site.Cartn_x 
_atom_site.Cartn_y 
_atom_site.Cartn_z 
_atom_site.occupancy 
_atom_site.B_iso_or_equiv 
_atom_site.pdbx_formal_charge 
_atom_site.auth_seq_id 
_atom_site.auth_comp_id 
_atom_site.auth_asym_id 
_atom_site.auth_atom_id 
_atom_site.pdbx_PDB_model_num 
ATOM   1   O "O5'" . DC  A 1 1  ? 13.224  2.339   -2.647  1.00 44.00 ? 1  DC  A "O5'" 1 
ATOM   2   C "C5'" . DC  A 1 1  ? 14.188  1.285   -2.647  1.00 41.05 ? 1  DC  A "C5'" 1 
ATOM   3   C "C4'" . DC  A 1 1  ? 14.631  0.968   -1.239  1.00 37.74 ? 1  DC  A "C4'" 1 
ATOM   4   O "O4'" . DC  A 1 1  ? 15.118  2.185   -0.647  1.00 40.62 ? 1  DC  A "O4'" 1 
ATOM   5   C "C3'" . DC  A 1 1  ? 13.506  0.523   -0.327  1.00 36.18 ? 1  DC  A "C3'" 1 
ATOM   6   O "O3'" . DC  A 1 1  ? 13.392  -0.885  -0.489  1.00 35.67 ? 1  DC  A "O3'" 1 
ATOM   7   C "C2'" . DC  A 1 1  ? 14.191  0.768   0.991   1.00 36.37 ? 1  DC  A "C2'" 1 
ATOM   8   C "C1'" . DC  A 1 1  ? 14.771  2.177   0.754   1.00 38.87 ? 1  DC  A "C1'" 1 
ATOM   9   N N1    . DC  A 1 1  ? 13.841  3.301   1.150   1.00 41.58 ? 1  DC  A N1    1 
ATOM   10  C C2    . DC  A 1 1  ? 13.461  3.436   2.491   1.00 42.52 ? 1  DC  A C2    1 
ATOM   11  O O2    . DC  A 1 1  ? 13.907  2.720   3.385   1.00 40.95 ? 1  DC  A O2    1 
ATOM   12  N N3    . DC  A 1 1  ? 12.590  4.425   2.818   1.00 43.55 ? 1  DC  A N3    1 
ATOM   13  C C4    . DC  A 1 1  ? 12.099  5.263   1.901   1.00 45.31 ? 1  DC  A C4    1 
ATOM   14  N N4    . DC  A 1 1  ? 11.220  6.190   2.277   1.00 42.99 ? 1  DC  A N4    1 
ATOM   15  C C5    . DC  A 1 1  ? 12.480  5.159   0.527   1.00 45.42 ? 1  DC  A C5    1 
ATOM   16  C C6    . DC  A 1 1  ? 13.344  4.173   0.208   1.00 42.94 ? 1  DC  A C6    1 
ATOM   17  P P     . DC  A 1 2  ? 12.095  -1.759  -0.072  1.00 35.63 ? 2  DC  A P     1 
ATOM   18  O OP1   . DC  A 1 2  ? 12.321  -3.155  -0.509  1.00 43.02 ? 2  DC  A OP1   1 
ATOM   19  O OP2   . DC  A 1 2  ? 10.874  -1.059  -0.496  1.00 37.82 ? 2  DC  A OP2   1 
ATOM   20  O "O5'" . DC  A 1 2  ? 12.075  -1.735  1.518   1.00 36.95 ? 2  DC  A "O5'" 1 
ATOM   21  C "C5'" . DC  A 1 2  ? 12.902  -2.536  2.361   1.00 40.37 ? 2  DC  A "C5'" 1 
ATOM   22  C "C4'" . DC  A 1 2  ? 12.673  -2.050  3.771   1.00 39.95 ? 2  DC  A "C4'" 1 
ATOM   23  O "O4'" . DC  A 1 2  ? 12.898  -0.628  3.844   1.00 41.07 ? 2  DC  A "O4'" 1 
ATOM   24  C "C3'" . DC  A 1 2  ? 11.225  -2.195  4.157   1.00 39.63 ? 2  DC  A "C3'" 1 
ATOM   25  O "O3'" . DC  A 1 2  ? 11.051  -3.543  4.543   1.00 41.55 ? 2  DC  A "O3'" 1 
ATOM   26  C "C2'" . DC  A 1 2  ? 11.259  -1.345  5.395   1.00 41.23 ? 2  DC  A "C2'" 1 
ATOM   27  C "C1'" . DC  A 1 2  ? 11.996  -0.109  4.846   1.00 40.65 ? 2  DC  A "C1'" 1 
ATOM   28  N N1    . DC  A 1 2  ? 11.109  1.018   4.367   1.00 39.73 ? 2  DC  A N1    1 
ATOM   29  C C2    . DC  A 1 2  ? 10.601  1.893   5.326   1.00 41.04 ? 2  DC  A C2    1 
ATOM   30  O O2    . DC  A 1 2  ? 10.787  1.725   6.528   1.00 41.83 ? 2  DC  A O2    1 
ATOM   31  N N3    . DC  A 1 2  ? 9.884   2.965   4.913   1.00 44.50 ? 2  DC  A N3    1 
ATOM   32  C C4    . DC  A 1 2  ? 9.651   3.199   3.620   1.00 43.96 ? 2  DC  A C4    1 
ATOM   33  N N4    . DC  A 1 2  ? 8.982   4.305   3.276   1.00 45.72 ? 2  DC  A N4    1 
ATOM   34  C C5    . DC  A 1 2  ? 10.144  2.310   2.613   1.00 41.73 ? 2  DC  A C5    1 
ATOM   35  C C6    . DC  A 1 2  ? 10.860  1.243   3.034   1.00 39.05 ? 2  DC  A C6    1 
ATOM   36  P P     . DG  A 1 3  ? 9.614   -4.256  4.608   1.00 49.17 ? 3  DG  A P     1 
ATOM   37  O OP1   . DG  A 1 3  ? 9.832   -5.684  4.935   1.00 48.22 ? 3  DG  A OP1   1 
ATOM   38  O OP2   . DG  A 1 3  ? 8.860   -3.876  3.391   1.00 48.96 ? 3  DG  A OP2   1 
ATOM   39  O "O5'" . DG  A 1 3  ? 8.876   -3.576  5.876   1.00 45.93 ? 3  DG  A "O5'" 1 
ATOM   40  C "C5'" . DG  A 1 3  ? 8.993   -4.053  7.219   1.00 44.35 ? 3  DG  A "C5'" 1 
ATOM   41  C "C4'" . DG  A 1 3  ? 8.414   -3.072  8.205   1.00 44.40 ? 3  DG  A "C4'" 1 
ATOM   42  O "O4'" . DG  A 1 3  ? 8.922   -1.752  7.979   1.00 44.23 ? 3  DG  A "O4'" 1 
ATOM   43  C "C3'" . DG  A 1 3  ? 6.944   -2.942  8.008   1.00 43.12 ? 3  DG  A "C3'" 1 
ATOM   44  O "O3'" . DG  A 1 3  ? 6.364   -4.031  8.707   1.00 43.60 ? 3  DG  A "O3'" 1 
ATOM   45  C "C2'" . DG  A 1 3  ? 6.720   -1.683  8.799   1.00 41.18 ? 3  DG  A "C2'" 1 
ATOM   46  C "C1'" . DG  A 1 3  ? 7.843   -0.834  8.230   1.00 37.24 ? 3  DG  A "C1'" 1 
ATOM   47  N N9    . DG  A 1 3  ? 7.432   -0.079  7.016   1.00 33.18 ? 3  DG  A N9    1 
ATOM   48  C C8    . DG  A 1 3  ? 7.777   -0.225  5.696   1.00 31.31 ? 3  DG  A C8    1 
ATOM   49  N N7    . DG  A 1 3  ? 7.283   0.683   4.905   1.00 32.83 ? 3  DG  A N7    1 
ATOM   50  C C5    . DG  A 1 3  ? 6.550   1.495   5.758   1.00 31.65 ? 3  DG  A C5    1 
ATOM   51  C C6    . DG  A 1 3  ? 5.781   2.657   5.480   1.00 32.14 ? 3  DG  A C6    1 
ATOM   52  O O6    . DG  A 1 3  ? 5.586   3.204   4.396   1.00 29.40 ? 3  DG  A O6    1 
ATOM   53  N N1    . DG  A 1 3  ? 5.199   3.165   6.636   1.00 32.25 ? 3  DG  A N1    1 
ATOM   54  C C2    . DG  A 1 3  ? 5.342   2.621   7.897   1.00 33.89 ? 3  DG  A C2    1 
ATOM   55  N N2    . DG  A 1 3  ? 4.758   3.246   8.908   1.00 35.76 ? 3  DG  A N2    1 
ATOM   56  N N3    . DG  A 1 3  ? 6.061   1.530   8.155   1.00 34.03 ? 3  DG  A N3    1 
ATOM   57  C C4    . DG  A 1 3  ? 6.634   1.027   7.045   1.00 31.56 ? 3  DG  A C4    1 
ATOM   58  P P     . DG  A 1 4  ? 4.976   -4.639  8.195   1.00 44.92 ? 4  DG  A P     1 
ATOM   59  O OP1   . DG  A 1 4  ? 4.748   -5.919  8.903   1.00 47.72 ? 4  DG  A OP1   1 
ATOM   60  O OP2   . DG  A 1 4  ? 4.948   -4.590  6.712   1.00 47.03 ? 4  DG  A OP2   1 
ATOM   61  O "O5'" . DG  A 1 4  ? 3.915   -3.561  8.724   1.00 41.43 ? 4  DG  A "O5'" 1 
ATOM   62  C "C5'" . DG  A 1 4  ? 3.564   -3.390  10.098  1.00 36.77 ? 4  DG  A "C5'" 1 
ATOM   63  C "C4'" . DG  A 1 4  ? 2.778   -2.102  10.219  1.00 33.12 ? 4  DG  A "C4'" 1 
ATOM   64  O "O4'" . DG  A 1 4  ? 3.520   -1.088  9.555   1.00 28.15 ? 4  DG  A "O4'" 1 
ATOM   65  C "C3'" . DG  A 1 4  ? 1.461   -2.099  9.491   1.00 28.89 ? 4  DG  A "C3'" 1 
ATOM   66  O "O3'" . DG  A 1 4  ? 0.517   -2.709  10.375  1.00 33.46 ? 4  DG  A "O3'" 1 
ATOM   67  C "C2'" . DG  A 1 4  ? 1.201   -0.626  9.527   1.00 27.44 ? 4  DG  A "C2'" 1 
ATOM   68  C "C1'" . DG  A 1 4  ? 2.577   -0.090  9.157   1.00 27.67 ? 4  DG  A "C1'" 1 
ATOM   69  N N9    . DG  A 1 4  ? 2.701   0.269   7.731   1.00 26.04 ? 4  DG  A N9    1 
ATOM   70  C C8    . DG  A 1 4  ? 3.440   -0.306  6.734   1.00 24.76 ? 4  DG  A C8    1 
ATOM   71  N N7    . DG  A 1 4  ? 3.367   0.315   5.592   1.00 21.78 ? 4  DG  A N7    1 
ATOM   72  C C5    . DG  A 1 4  ? 2.511   1.375   5.849   1.00 25.21 ? 4  DG  A C5    1 
ATOM   73  C C6    . DG  A 1 4  ? 2.065   2.402   4.987   1.00 27.43 ? 4  DG  A C6    1 
ATOM   74  O O6    . DG  A 1 4  ? 2.312   2.531   3.790   1.00 27.76 ? 4  DG  A O6    1 
ATOM   75  N N1    . DG  A 1 4  ? 1.226   3.291   5.655   1.00 30.40 ? 4  DG  A N1    1 
ATOM   76  C C2    . DG  A 1 4  ? 0.862   3.195   6.984   1.00 31.68 ? 4  DG  A C2    1 
ATOM   77  N N2    . DG  A 1 4  ? 0.039   4.125   7.467   1.00 30.46 ? 4  DG  A N2    1 
ATOM   78  N N3    . DG  A 1 4  ? 1.282   2.224   7.791   1.00 28.71 ? 4  DG  A N3    1 
ATOM   79  C C4    . DG  A 1 4  ? 2.100   1.354   7.154   1.00 25.74 ? 4  DG  A C4    1 
ATOM   80  P P     . DG  A 1 5  ? -0.922  -3.236  9.876   1.00 36.51 ? 5  DG  A P     1 
ATOM   81  O OP1   . DG  A 1 5  ? -1.459  -4.170  10.892  1.00 35.51 ? 5  DG  A OP1   1 
ATOM   82  O OP2   . DG  A 1 5  ? -0.774  -3.692  8.477   1.00 37.71 ? 5  DG  A OP2   1 
ATOM   83  O "O5'" . DG  A 1 5  ? -1.839  -1.910  9.873   1.00 36.44 ? 5  DG  A "O5'" 1 
ATOM   84  C "C5'" . DG  A 1 5  ? -2.493  -1.414  11.044  1.00 35.01 ? 5  DG  A "C5'" 1 
ATOM   85  C "C4'" . DG  A 1 5  ? -3.330  -0.201  10.687  1.00 32.52 ? 5  DG  A "C4'" 1 
ATOM   86  O "O4'" . DG  A 1 5  ? -2.463  0.785   10.114  1.00 31.16 ? 5  DG  A "O4'" 1 
ATOM   87  C "C3'" . DG  A 1 5  ? -4.323  -0.504  9.590   1.00 32.89 ? 5  DG  A "C3'" 1 
ATOM   88  O "O3'" . DG  A 1 5  ? -5.509  -0.995  10.208  1.00 35.56 ? 5  DG  A "O3'" 1 
ATOM   89  C "C2'" . DG  A 1 5  ? -4.587  0.902   9.117   1.00 31.09 ? 5  DG  A "C2'" 1 
ATOM   90  C "C1'" . DG  A 1 5  ? -3.157  1.426   9.027   1.00 31.78 ? 5  DG  A "C1'" 1 
ATOM   91  N N9    . DG  A 1 5  ? -2.505  1.188   7.696   1.00 31.41 ? 5  DG  A N9    1 
ATOM   92  C C8    . DG  A 1 5  ? -1.599  0.221   7.326   1.00 32.07 ? 5  DG  A C8    1 
ATOM   93  N N7    . DG  A 1 5  ? -1.167  0.306   6.105   1.00 30.56 ? 5  DG  A N7    1 
ATOM   94  C C5    . DG  A 1 5  ? -1.831  1.415   5.606   1.00 31.84 ? 5  DG  A C5    1 
ATOM   95  C C6    . DG  A 1 5  ? -1.697  2.043   4.344   1.00 31.18 ? 5  DG  A C6    1 
ATOM   96  O O6    . DG  A 1 5  ? -0.999  1.693   3.400   1.00 28.04 ? 5  DG  A O6    1 
ATOM   97  N N1    . DG  A 1 5  ? -2.466  3.188   4.259   1.00 31.78 ? 5  DG  A N1    1 
ATOM   98  C C2    . DG  A 1 5  ? -3.273  3.675   5.264   1.00 33.59 ? 5  DG  A C2    1 
ATOM   99  N N2    . DG  A 1 5  ? -3.941  4.792   4.994   1.00 34.64 ? 5  DG  A N2    1 
ATOM   100 N N3    . DG  A 1 5  ? -3.404  3.088   6.458   1.00 34.24 ? 5  DG  A N3    1 
ATOM   101 C C4    . DG  A 1 5  ? -2.654  1.963   6.561   1.00 32.44 ? 5  DG  A C4    1 
ATOM   102 P P     . DC  A 1 6  ? -6.527  -1.910  9.351   1.00 33.36 ? 6  DC  A P     1 
ATOM   103 O OP1   . DC  A 1 6  ? -7.551  -2.437  10.275  1.00 42.10 ? 6  DC  A OP1   1 
ATOM   104 O OP2   . DC  A 1 6  ? -5.752  -2.860  8.518   1.00 32.60 ? 6  DC  A OP2   1 
ATOM   105 O "O5'" . DC  A 1 6  ? -7.235  -0.834  8.388   1.00 34.29 ? 6  DC  A "O5'" 1 
ATOM   106 C "C5'" . DC  A 1 6  ? -7.742  -1.172  7.096   1.00 32.89 ? 6  DC  A "C5'" 1 
ATOM   107 C "C4'" . DC  A 1 6  ? -7.823  0.065   6.210   1.00 30.14 ? 6  DC  A "C4'" 1 
ATOM   108 O "O4'" . DC  A 1 6  ? -6.511  0.617   6.094   1.00 27.12 ? 6  DC  A "O4'" 1 
ATOM   109 C "C3'" . DC  A 1 6  ? -8.237  -0.227  4.789   1.00 29.26 ? 6  DC  A "C3'" 1 
ATOM   110 O "O3'" . DC  A 1 6  ? -9.650  -0.174  4.764   1.00 30.16 ? 6  DC  A "O3'" 1 
ATOM   111 C "C2'" . DC  A 1 6  ? -7.740  1.031   4.135   1.00 28.25 ? 6  DC  A "C2'" 1 
ATOM   112 C "C1'" . DC  A 1 6  ? -6.357  1.148   4.774   1.00 26.72 ? 6  DC  A "C1'" 1 
ATOM   113 N N1    . DC  A 1 6  ? -5.254  0.497   3.987   1.00 26.01 ? 6  DC  A N1    1 
ATOM   114 C C2    . DC  A 1 6  ? -4.845  1.110   2.802   1.00 26.81 ? 6  DC  A C2    1 
ATOM   115 O O2    . DC  A 1 6  ? -5.358  2.156   2.411   1.00 30.92 ? 6  DC  A O2    1 
ATOM   116 N N3    . DC  A 1 6  ? -3.837  0.539   2.088   1.00 24.35 ? 6  DC  A N3    1 
ATOM   117 C C4    . DC  A 1 6  ? -3.237  -0.580  2.497   1.00 24.27 ? 6  DC  A C4    1 
ATOM   118 N N4    . DC  A 1 6  ? -2.274  -1.119  1.752   1.00 20.44 ? 6  DC  A N4    1 
ATOM   119 C C5    . DC  A 1 6  ? -3.633  -1.223  3.711   1.00 25.77 ? 6  DC  A C5    1 
ATOM   120 C C6    . DC  A 1 6  ? -4.636  -0.653  4.411   1.00 25.23 ? 6  DC  A C6    1 
ATOM   121 P P     . DC  A 1 7  ? -10.452 -1.077  3.724   1.00 29.34 ? 7  DC  A P     1 
ATOM   122 O OP1   . DC  A 1 7  ? -11.887 -0.965  4.073   1.00 31.34 ? 7  DC  A OP1   1 
ATOM   123 O OP2   . DC  A 1 7  ? -9.804  -2.403  3.657   1.00 30.46 ? 7  DC  A OP2   1 
ATOM   124 O "O5'" . DC  A 1 7  ? -10.200 -0.334  2.336   1.00 27.52 ? 7  DC  A "O5'" 1 
ATOM   125 C "C5'" . DC  A 1 7  ? -10.938 0.850   2.033   1.00 26.62 ? 7  DC  A "C5'" 1 
ATOM   126 C "C4'" . DC  A 1 7  ? -10.336 1.571   0.856   1.00 24.48 ? 7  DC  A "C4'" 1 
ATOM   127 O "O4'" . DC  A 1 7  ? -8.931  1.646   1.089   1.00 26.79 ? 7  DC  A "O4'" 1 
ATOM   128 C "C3'" . DC  A 1 7  ? -10.454 0.854   -0.462  1.00 26.71 ? 7  DC  A "C3'" 1 
ATOM   129 O "O3'" . DC  A 1 7  ? -11.702 1.237   -1.030  1.00 27.29 ? 7  DC  A "O3'" 1 
ATOM   130 C "C2'" . DC  A 1 7  ? -9.395  1.600   -1.215  1.00 26.20 ? 7  DC  A "C2'" 1 
ATOM   131 C "C1'" . DC  A 1 7  ? -8.274  1.612   -0.179  1.00 24.40 ? 7  DC  A "C1'" 1 
ATOM   132 N N1    . DC  A 1 7  ? -7.293  0.483   -0.299  1.00 23.81 ? 7  DC  A N1    1 
ATOM   133 C C2    . DC  A 1 7  ? -6.422  0.487   -1.383  1.00 22.44 ? 7  DC  A C2    1 
ATOM   134 O O2    . DC  A 1 7  ? -6.463  1.351   -2.254  1.00 18.69 ? 7  DC  A O2    1 
ATOM   135 N N3    . DC  A 1 7  ? -5.482  -0.482  -1.460  1.00 22.00 ? 7  DC  A N3    1 
ATOM   136 C C4    . DC  A 1 7  ? -5.377  -1.431  -0.534  1.00 23.65 ? 7  DC  A C4    1 
ATOM   137 N N4    . DC  A 1 7  ? -4.424  -2.347  -0.680  1.00 25.32 ? 7  DC  A N4    1 
ATOM   138 C C5    . DC  A 1 7  ? -6.261  -1.468  0.586   1.00 22.13 ? 7  DC  A C5    1 
ATOM   139 C C6    . DC  A 1 7  ? -7.193  -0.497  0.658   1.00 25.03 ? 7  DC  A C6    1 
HETATM 140 N N1    . 5CM A 1 8  ? -8.395  -0.199  -5.704  1.00 28.81 ? 8  5CM A N1    1 
HETATM 141 C C2    . 5CM A 1 8  ? -7.267  -0.591  -6.415  1.00 30.19 ? 8  5CM A C2    1 
HETATM 142 N N3    . 5CM A 1 8  ? -6.498  -1.588  -5.903  1.00 30.48 ? 8  5CM A N3    1 
HETATM 143 C C4    . 5CM A 1 8  ? -6.807  -2.192  -4.758  1.00 28.80 ? 8  5CM A C4    1 
HETATM 144 C C5    . 5CM A 1 8  ? -7.976  -1.826  -4.024  1.00 25.57 ? 8  5CM A C5    1 
HETATM 145 C C5A   . 5CM A 1 8  ? -8.388  -2.531  -2.743  1.00 21.09 ? 8  5CM A C5A   1 
HETATM 146 C C6    . 5CM A 1 8  ? -8.729  -0.831  -4.534  1.00 24.89 ? 8  5CM A C6    1 
HETATM 147 O O2    . 5CM A 1 8  ? -6.978  -0.072  -7.491  1.00 25.75 ? 8  5CM A O2    1 
HETATM 148 N N4    . 5CM A 1 8  ? -5.959  -3.086  -4.273  1.00 25.36 ? 8  5CM A N4    1 
HETATM 149 C "C1'" . 5CM A 1 8  ? -9.118  1.007   -6.216  1.00 28.91 ? 8  5CM A "C1'" 1 
HETATM 150 C "C2'" . 5CM A 1 8  ? -10.209 0.748   -7.254  1.00 30.35 ? 8  5CM A "C2'" 1 
HETATM 151 C "C3'" . 5CM A 1 8  ? -11.409 0.706   -6.347  1.00 29.97 ? 8  5CM A "C3'" 1 
HETATM 152 C "C4'" . 5CM A 1 8  ? -11.109 1.907   -5.480  1.00 25.78 ? 8  5CM A "C4'" 1 
HETATM 153 O "O4'" . 5CM A 1 8  ? -9.737  1.763   -5.163  1.00 25.64 ? 8  5CM A "O4'" 1 
HETATM 154 O "O3'" . 5CM A 1 8  ? -12.567 1.004   -7.126  1.00 35.10 ? 8  5CM A "O3'" 1 
HETATM 155 C "C5'" . 5CM A 1 8  ? -11.858 1.894   -4.174  1.00 25.03 ? 8  5CM A "C5'" 1 
HETATM 156 O "O5'" . 5CM A 1 8  ? -11.617 0.671   -3.481  1.00 22.67 ? 8  5CM A "O5'" 1 
HETATM 157 P P     . 5CM A 1 8  ? -12.423 0.328   -2.136  1.00 25.22 ? 8  5CM A P     1 
HETATM 158 O OP1   . 5CM A 1 8  ? -13.810 0.821   -2.284  1.00 29.02 ? 8  5CM A OP1   1 
HETATM 159 O OP2   . 5CM A 1 8  ? -12.196 -1.091  -1.782  1.00 23.18 ? 8  5CM A OP2   1 
ATOM   160 P P     . DG  A 1 9  ? -13.540 -0.231  -7.452  1.00 37.89 ? 9  DG  A P     1 
ATOM   161 O OP1   . DG  A 1 9  ? -14.752 0.298   -8.112  1.00 36.79 ? 9  DG  A OP1   1 
ATOM   162 O OP2   . DG  A 1 9  ? -13.662 -1.083  -6.245  1.00 32.31 ? 9  DG  A OP2   1 
ATOM   163 O "O5'" . DG  A 1 9  ? -12.678 -1.001  -8.543  1.00 38.28 ? 9  DG  A "O5'" 1 
ATOM   164 C "C5'" . DG  A 1 9  ? -12.468 -2.409  -8.524  1.00 37.29 ? 9  DG  A "C5'" 1 
ATOM   165 C "C4'" . DG  A 1 9  ? -11.320 -2.737  -9.459  1.00 35.61 ? 9  DG  A "C4'" 1 
ATOM   166 O "O4'" . DG  A 1 9  ? -10.083 -2.225  -8.946  1.00 35.36 ? 9  DG  A "O4'" 1 
ATOM   167 C "C3'" . DG  A 1 9  ? -11.074 -4.205  -9.720  1.00 36.02 ? 9  DG  A "C3'" 1 
ATOM   168 O "O3'" . DG  A 1 9  ? -11.908 -4.552  -10.806 1.00 39.95 ? 9  DG  A "O3'" 1 
ATOM   169 C "C2'" . DG  A 1 9  ? -9.660  -4.129  -10.254 1.00 34.27 ? 9  DG  A "C2'" 1 
ATOM   170 C "C1'" . DG  A 1 9  ? -9.041  -3.161  -9.245  1.00 31.39 ? 9  DG  A "C1'" 1 
ATOM   171 N N9    . DG  A 1 9  ? -8.579  -3.927  -8.062  1.00 30.61 ? 9  DG  A N9    1 
ATOM   172 C C8    . DG  A 1 9  ? -9.111  -4.043  -6.792  1.00 29.80 ? 9  DG  A C8    1 
ATOM   173 N N7    . DG  A 1 9  ? -8.482  -4.886  -6.034  1.00 31.74 ? 9  DG  A N7    1 
ATOM   174 C C5    . DG  A 1 9  ? -7.460  -5.360  -6.845  1.00 29.78 ? 9  DG  A C5    1 
ATOM   175 C C6    . DG  A 1 9  ? -6.442  -6.289  -6.562  1.00 29.18 ? 9  DG  A C6    1 
ATOM   176 O O6    . DG  A 1 9  ? -6.278  -6.950  -5.542  1.00 28.25 ? 9  DG  A O6    1 
ATOM   177 N N1    . DG  A 1 9  ? -5.594  -6.468  -7.636  1.00 30.73 ? 9  DG  A N1    1 
ATOM   178 C C2    . DG  A 1 9  ? -5.711  -5.830  -8.848  1.00 31.05 ? 9  DG  A C2    1 
ATOM   179 N N2    . DG  A 1 9  ? -4.767  -6.097  -9.743  1.00 35.51 ? 9  DG  A N2    1 
ATOM   180 N N3    . DG  A 1 9  ? -6.673  -4.958  -9.122  1.00 31.36 ? 9  DG  A N3    1 
ATOM   181 C C4    . DG  A 1 9  ? -7.508  -4.773  -8.077  1.00 30.23 ? 9  DG  A C4    1 
ATOM   182 P P     . DG  A 1 10 ? -12.646 -5.974  -10.835 1.00 47.17 ? 10 DG  A P     1 
ATOM   183 O OP1   . DG  A 1 10 ? -13.602 -5.930  -11.967 1.00 50.41 ? 10 DG  A OP1   1 
ATOM   184 O OP2   . DG  A 1 10 ? -13.128 -6.308  -9.473  1.00 38.30 ? 10 DG  A OP2   1 
ATOM   185 O "O5'" . DG  A 1 10 ? -11.454 -6.980  -11.217 1.00 46.97 ? 10 DG  A "O5'" 1 
ATOM   186 C "C5'" . DG  A 1 10 ? -11.019 -6.941  -12.569 1.00 45.75 ? 10 DG  A "C5'" 1 
ATOM   187 C "C4'" . DG  A 1 10 ? -9.689  -7.575  -12.764 1.00 43.06 ? 10 DG  A "C4'" 1 
ATOM   188 O "O4'" . DG  A 1 10 ? -8.776  -7.043  -11.805 1.00 37.70 ? 10 DG  A "O4'" 1 
ATOM   189 C "C3'" . DG  A 1 10 ? -9.706  -9.051  -12.535 1.00 41.00 ? 10 DG  A "C3'" 1 
ATOM   190 O "O3'" . DG  A 1 10 ? -10.258 -9.643  -13.711 1.00 44.53 ? 10 DG  A "O3'" 1 
ATOM   191 C "C2'" . DG  A 1 10 ? -8.221  -9.269  -12.371 1.00 38.06 ? 10 DG  A "C2'" 1 
ATOM   192 C "C1'" . DG  A 1 10 ? -7.905  -8.114  -11.419 1.00 34.74 ? 10 DG  A "C1'" 1 
ATOM   193 N N9    . DG  A 1 10 ? -8.087  -8.465  -9.993  1.00 32.01 ? 10 DG  A N9    1 
ATOM   194 C C8    . DG  A 1 10 ? -8.966  -7.972  -9.052  1.00 28.06 ? 10 DG  A C8    1 
ATOM   195 N N7    . DG  A 1 10 ? -8.754  -8.421  -7.845  1.00 29.65 ? 10 DG  A N7    1 
ATOM   196 C C5    . DG  A 1 10 ? -7.664  -9.274  -7.998  1.00 32.24 ? 10 DG  A C5    1 
ATOM   197 C C6    . DG  A 1 10 ? -6.954  -10.029 -7.035  1.00 32.91 ? 10 DG  A C6    1 
ATOM   198 O O6    . DG  A 1 10 ? -7.158  -10.094 -5.823  1.00 35.35 ? 10 DG  A O6    1 
ATOM   199 N N1    . DG  A 1 10 ? -5.912  -10.747 -7.606  1.00 34.10 ? 10 DG  A N1    1 
ATOM   200 C C2    . DG  A 1 10 ? -5.591  -10.733 -8.945  1.00 36.17 ? 10 DG  A C2    1 
ATOM   201 N N2    . DG  A 1 10 ? -4.583  -11.500 -9.344  1.00 35.85 ? 10 DG  A N2    1 
ATOM   202 N N3    . DG  A 1 10 ? -6.245  -10.011 -9.845  1.00 35.68 ? 10 DG  A N3    1 
ATOM   203 C C4    . DG  A 1 10 ? -7.264  -9.311  -9.304  1.00 32.72 ? 10 DG  A C4    1 
ATOM   204 O "O5'" . DC  B 1 1  ? 0.362   -16.687 -3.336  1.00 38.86 ? 11 DC  B "O5'" 1 
ATOM   205 C "C5'" . DC  B 1 1  ? 0.785   -16.471 -4.688  1.00 43.09 ? 11 DC  B "C5'" 1 
ATOM   206 C "C4'" . DC  B 1 1  ? 0.359   -15.097 -5.208  1.00 47.90 ? 11 DC  B "C4'" 1 
ATOM   207 O "O4'" . DC  B 1 1  ? -1.062  -14.971 -5.131  1.00 47.44 ? 11 DC  B "O4'" 1 
ATOM   208 C "C3'" . DC  B 1 1  ? 0.937   -13.925 -4.384  1.00 47.88 ? 11 DC  B "C3'" 1 
ATOM   209 O "O3'" . DC  B 1 1  ? 2.025   -13.362 -5.160  1.00 49.74 ? 11 DC  B "O3'" 1 
ATOM   210 C "C2'" . DC  B 1 1  ? -0.222  -12.930 -4.367  1.00 49.81 ? 11 DC  B "C2'" 1 
ATOM   211 C "C1'" . DC  B 1 1  ? -1.243  -13.573 -5.294  1.00 48.20 ? 11 DC  B "C1'" 1 
ATOM   212 N N1    . DC  B 1 1  ? -2.601  -13.139 -4.888  1.00 46.32 ? 11 DC  B N1    1 
ATOM   213 C C2    . DC  B 1 1  ? -3.479  -12.778 -5.890  1.00 47.17 ? 11 DC  B C2    1 
ATOM   214 O O2    . DC  B 1 1  ? -3.154  -12.877 -7.074  1.00 49.86 ? 11 DC  B O2    1 
ATOM   215 N N3    . DC  B 1 1  ? -4.721  -12.348 -5.525  1.00 44.45 ? 11 DC  B N3    1 
ATOM   216 C C4    . DC  B 1 1  ? -5.090  -12.274 -4.237  1.00 42.60 ? 11 DC  B C4    1 
ATOM   217 N N4    . DC  B 1 1  ? -6.315  -11.856 -3.909  1.00 42.85 ? 11 DC  B N4    1 
ATOM   218 C C5    . DC  B 1 1  ? -4.192  -12.650 -3.194  1.00 41.53 ? 11 DC  B C5    1 
ATOM   219 C C6    . DC  B 1 1  ? -2.971  -13.073 -3.570  1.00 44.50 ? 11 DC  B C6    1 
ATOM   220 P P     . DC  B 1 2  ? 2.442   -11.809 -5.462  1.00 49.28 ? 12 DC  B P     1 
ATOM   221 O OP1   . DC  B 1 2  ? 3.871   -11.783 -5.855  1.00 52.35 ? 12 DC  B OP1   1 
ATOM   222 O OP2   . DC  B 1 2  ? 2.025   -10.902 -4.367  1.00 43.01 ? 12 DC  B OP2   1 
ATOM   223 O "O5'" . DC  B 1 2  ? 1.562   -11.502 -6.763  1.00 46.41 ? 12 DC  B "O5'" 1 
ATOM   224 C "C5'" . DC  B 1 2  ? 2.049   -11.813 -8.076  1.00 44.60 ? 12 DC  B "C5'" 1 
ATOM   225 C "C4'" . DC  B 1 2  ? 1.286   -11.021 -9.119  1.00 41.28 ? 12 DC  B "C4'" 1 
ATOM   226 O "O4'" . DC  B 1 2  ? -0.095  -11.326 -8.892  1.00 40.94 ? 12 DC  B "O4'" 1 
ATOM   227 C "C3'" . DC  B 1 2  ? 1.373   -9.519  -8.904  1.00 38.44 ? 12 DC  B "C3'" 1 
ATOM   228 O "O3'" . DC  B 1 2  ? 2.464   -9.026  -9.667  1.00 41.19 ? 12 DC  B "O3'" 1 
ATOM   229 C "C2'" . DC  B 1 2  ? 0.111   -9.094  -9.601  1.00 37.94 ? 12 DC  B "C2'" 1 
ATOM   230 C "C1'" . DC  B 1 2  ? -0.873  -10.141 -9.098  1.00 38.13 ? 12 DC  B "C1'" 1 
ATOM   231 N N1    . DC  B 1 2  ? -1.666  -9.689  -7.907  1.00 36.33 ? 12 DC  B N1    1 
ATOM   232 C C2    . DC  B 1 2  ? -2.788  -8.910  -8.146  1.00 35.70 ? 12 DC  B C2    1 
ATOM   233 O O2    . DC  B 1 2  ? -3.127  -8.587  -9.283  1.00 36.74 ? 12 DC  B O2    1 
ATOM   234 N N3    . DC  B 1 2  ? -3.536  -8.522  -7.087  1.00 35.19 ? 12 DC  B N3    1 
ATOM   235 C C4    . DC  B 1 2  ? -3.226  -8.868  -5.837  1.00 35.81 ? 12 DC  B C4    1 
ATOM   236 N N4    . DC  B 1 2  ? -4.020  -8.496  -4.835  1.00 32.80 ? 12 DC  B N4    1 
ATOM   237 C C5    . DC  B 1 2  ? -2.074  -9.664  -5.561  1.00 36.86 ? 12 DC  B C5    1 
ATOM   238 C C6    . DC  B 1 2  ? -1.334  -10.047 -6.620  1.00 38.46 ? 12 DC  B C6    1 
ATOM   239 P P     . DG  B 1 3  ? 3.068   -7.568  -9.329  1.00 41.09 ? 13 DG  B P     1 
ATOM   240 O OP1   . DG  B 1 3  ? 4.347   -7.433  -10.054 1.00 44.78 ? 13 DG  B OP1   1 
ATOM   241 O OP2   . DG  B 1 3  ? 3.034   -7.348  -7.865  1.00 38.17 ? 13 DG  B OP2   1 
ATOM   242 O "O5'" . DG  B 1 3  ? 2.025   -6.547  -9.974  1.00 39.07 ? 13 DG  B "O5'" 1 
ATOM   243 C "C5'" . DG  B 1 3  ? 1.983   -6.264  -11.368 1.00 41.41 ? 13 DG  B "C5'" 1 
ATOM   244 C "C4'" . DG  B 1 3  ? 0.901   -5.239  -11.614 1.00 41.17 ? 13 DG  B "C4'" 1 
ATOM   245 O "O4'" . DG  B 1 3  ? -0.375  -5.724  -11.201 1.00 39.52 ? 13 DG  B "O4'" 1 
ATOM   246 C "C3'" . DG  B 1 3  ? 1.119   -4.045  -10.743 1.00 38.90 ? 13 DG  B "C3'" 1 
ATOM   247 O "O3'" . DG  B 1 3  ? 2.152   -3.295  -11.364 1.00 44.97 ? 13 DG  B "O3'" 1 
ATOM   248 C "C2'" . DG  B 1 3  ? -0.211  -3.369  -10.954 1.00 37.00 ? 13 DG  B "C2'" 1 
ATOM   249 C "C1'" . DG  B 1 3  ? -1.131  -4.584  -10.758 1.00 36.07 ? 13 DG  B "C1'" 1 
ATOM   250 N N9    . DG  B 1 3  ? -1.571  -4.784  -9.365  1.00 29.93 ? 13 DG  B N9    1 
ATOM   251 C C8    . DG  B 1 3  ? -1.187  -5.719  -8.428  1.00 32.36 ? 13 DG  B C8    1 
ATOM   252 N N7    . DG  B 1 3  ? -1.831  -5.630  -7.297  1.00 30.63 ? 13 DG  B N7    1 
ATOM   253 C C5    . DG  B 1 3  ? -2.697  -4.566  -7.499  1.00 27.19 ? 13 DG  B C5    1 
ATOM   254 C C6    . DG  B 1 3  ? -3.698  -4.045  -6.649  1.00 25.37 ? 13 DG  B C6    1 
ATOM   255 O O6    . DG  B 1 3  ? -3.980  -4.398  -5.512  1.00 17.62 ? 13 DG  B O6    1 
ATOM   256 N N1    . DG  B 1 3  ? -4.406  -3.023  -7.263  1.00 25.59 ? 13 DG  B N1    1 
ATOM   257 C C2    . DG  B 1 3  ? -4.178  -2.557  -8.544  1.00 30.41 ? 13 DG  B C2    1 
ATOM   258 N N2    . DG  B 1 3  ? -4.948  -1.566  -8.998  1.00 31.76 ? 13 DG  B N2    1 
ATOM   259 N N3    . DG  B 1 3  ? -3.233  -3.054  -9.341  1.00 30.82 ? 13 DG  B N3    1 
ATOM   260 C C4    . DG  B 1 3  ? -2.540  -4.048  -8.754  1.00 29.96 ? 13 DG  B C4    1 
ATOM   261 P P     . DG  B 1 4  ? 3.013   -2.274  -10.473 1.00 48.90 ? 14 DG  B P     1 
ATOM   262 O OP1   . DG  B 1 4  ? 4.257   -1.940  -11.207 1.00 49.05 ? 14 DG  B OP1   1 
ATOM   263 O OP2   . DG  B 1 4  ? 3.095   -2.778  -9.079  1.00 45.52 ? 14 DG  B OP2   1 
ATOM   264 O "O5'" . DG  B 1 4  ? 2.036   -1.005  -10.521 1.00 44.43 ? 14 DG  B "O5'" 1 
ATOM   265 C "C5'" . DG  B 1 4  ? 1.789   -0.191  -9.388  1.00 38.75 ? 14 DG  B "C5'" 1 
ATOM   266 C "C4'" . DG  B 1 4  ? 0.466   0.546   -9.475  1.00 35.97 ? 14 DG  B "C4'" 1 
ATOM   267 O "O4'" . DG  B 1 4  ? -0.669  -0.316  -9.310  1.00 33.69 ? 14 DG  B "O4'" 1 
ATOM   268 C "C3'" . DG  B 1 4  ? 0.437   1.476   -8.308  1.00 34.89 ? 14 DG  B "C3'" 1 
ATOM   269 O "O3'" . DG  B 1 4  ? 1.051   2.654   -8.805  1.00 38.44 ? 14 DG  B "O3'" 1 
ATOM   270 C "C2'" . DG  B 1 4  ? -1.055  1.697   -8.170  1.00 31.53 ? 14 DG  B "C2'" 1 
ATOM   271 C "C1'" . DG  B 1 4  ? -1.554  0.261   -8.333  1.00 27.69 ? 14 DG  B "C1'" 1 
ATOM   272 N N9    . DG  B 1 4  ? -1.578  -0.549  -7.082  1.00 25.32 ? 14 DG  B N9    1 
ATOM   273 C C8    . DG  B 1 4  ? -0.798  -1.632  -6.746  1.00 26.68 ? 14 DG  B C8    1 
ATOM   274 N N7    . DG  B 1 4  ? -1.069  -2.157  -5.593  1.00 29.93 ? 14 DG  B N7    1 
ATOM   275 C C5    . DG  B 1 4  ? -2.107  -1.375  -5.113  1.00 25.10 ? 14 DG  B C5    1 
ATOM   276 C C6    . DG  B 1 4  ? -2.898  -1.576  -3.961  1.00 22.65 ? 14 DG  B C6    1 
ATOM   277 O O6    . DG  B 1 4  ? -2.745  -2.418  -3.080  1.00 22.71 ? 14 DG  B O6    1 
ATOM   278 N N1    . DG  B 1 4  ? -3.951  -0.690  -3.904  1.00 21.45 ? 14 DG  B N1    1 
ATOM   279 C C2    . DG  B 1 4  ? -4.214  0.277   -4.846  1.00 22.30 ? 14 DG  B C2    1 
ATOM   280 N N2    . DG  B 1 4  ? -5.304  0.998   -4.616  1.00 18.45 ? 14 DG  B N2    1 
ATOM   281 N N3    . DG  B 1 4  ? -3.467  0.480   -5.940  1.00 20.46 ? 14 DG  B N3    1 
ATOM   282 C C4    . DG  B 1 4  ? -2.429  -0.387  -6.010  1.00 23.73 ? 14 DG  B C4    1 
ATOM   283 P P     . DG  B 1 5  ? 1.551   3.847   -7.884  1.00 39.27 ? 15 DG  B P     1 
ATOM   284 O OP1   . DG  B 1 5  ? 2.478   4.673   -8.686  1.00 42.44 ? 15 DG  B OP1   1 
ATOM   285 O OP2   . DG  B 1 5  ? 1.985   3.302   -6.576  1.00 38.89 ? 15 DG  B OP2   1 
ATOM   286 O "O5'" . DG  B 1 5  ? 0.185   4.660   -7.707  1.00 36.12 ? 15 DG  B "O5'" 1 
ATOM   287 C "C5'" . DG  B 1 5  ? -0.022  5.382   -6.521  1.00 35.34 ? 15 DG  B "C5'" 1 
ATOM   288 C "C4'" . DG  B 1 5  ? -1.471  5.415   -6.170  1.00 37.45 ? 15 DG  B "C4'" 1 
ATOM   289 O "O4'" . DG  B 1 5  ? -2.002  4.095   -6.101  1.00 39.54 ? 15 DG  B "O4'" 1 
ATOM   290 C "C3'" . DG  B 1 5  ? -1.583  5.951   -4.782  1.00 37.75 ? 15 DG  B "C3'" 1 
ATOM   291 O "O3'" . DG  B 1 5  ? -1.644  7.354   -4.949  1.00 35.74 ? 15 DG  B "O3'" 1 
ATOM   292 C "C2'" . DG  B 1 5  ? -2.947  5.443   -4.409  1.00 38.41 ? 15 DG  B "C2'" 1 
ATOM   293 C "C1'" . DG  B 1 5  ? -2.826  4.002   -4.927  1.00 35.90 ? 15 DG  B "C1'" 1 
ATOM   294 N N9    . DG  B 1 5  ? -2.194  3.045   -3.988  1.00 31.83 ? 15 DG  B N9    1 
ATOM   295 C C8    . DG  B 1 5  ? -1.064  2.282   -4.175  1.00 32.10 ? 15 DG  B C8    1 
ATOM   296 N N7    . DG  B 1 5  ? -0.778  1.497   -3.181  1.00 30.79 ? 15 DG  B N7    1 
ATOM   297 C C5    . DG  B 1 5  ? -1.786  1.753   -2.262  1.00 25.76 ? 15 DG  B C5    1 
ATOM   298 C C6    . DG  B 1 5  ? -1.980  1.199   -0.979  1.00 24.99 ? 15 DG  B C6    1 
ATOM   299 O O6    . DG  B 1 5  ? -1.281  0.370   -0.407  1.00 25.67 ? 15 DG  B O6    1 
ATOM   300 N N1    . DG  B 1 5  ? -3.098  1.732   -0.362  1.00 19.55 ? 15 DG  B N1    1 
ATOM   301 C C2    . DG  B 1 5  ? -3.924  2.681   -0.910  1.00 17.22 ? 15 DG  B C2    1 
ATOM   302 N N2    . DG  B 1 5  ? -4.937  3.061   -0.146  1.00 13.08 ? 15 DG  B N2    1 
ATOM   303 N N3    . DG  B 1 5  ? -3.750  3.208   -2.122  1.00 22.44 ? 15 DG  B N3    1 
ATOM   304 C C4    . DG  B 1 5  ? -2.659  2.697   -2.740  1.00 27.22 ? 15 DG  B C4    1 
ATOM   305 P P     . DC  B 1 6  ? -0.825  8.297   -3.968  1.00 39.08 ? 16 DC  B P     1 
ATOM   306 O OP1   . DC  B 1 6  ? -0.775  9.640   -4.587  1.00 34.15 ? 16 DC  B OP1   1 
ATOM   307 O OP2   . DC  B 1 6  ? 0.431   7.625   -3.546  1.00 30.49 ? 16 DC  B OP2   1 
ATOM   308 O "O5'" . DC  B 1 6  ? -1.838  8.327   -2.725  1.00 34.64 ? 16 DC  B "O5'" 1 
ATOM   309 C "C5'" . DC  B 1 6  ? -3.077  9.029   -2.870  1.00 38.50 ? 16 DC  B "C5'" 1 
ATOM   310 C "C4'" . DC  B 1 6  ? -3.895  8.936   -1.597  1.00 40.07 ? 16 DC  B "C4'" 1 
ATOM   311 O "O4'" . DC  B 1 6  ? -4.188  7.557   -1.349  1.00 36.91 ? 16 DC  B "O4'" 1 
ATOM   312 C "C3'" . DC  B 1 6  ? -3.063  9.366   -0.409  1.00 39.93 ? 16 DC  B "C3'" 1 
ATOM   313 O "O3'" . DC  B 1 6  ? -3.231  10.773  -0.294  1.00 45.50 ? 16 DC  B "O3'" 1 
ATOM   314 C "C2'" . DC  B 1 6  ? -3.811  8.670   0.712   1.00 38.48 ? 16 DC  B "C2'" 1 
ATOM   315 C "C1'" . DC  B 1 6  ? -4.067  7.296   0.059   1.00 31.80 ? 16 DC  B "C1'" 1 
ATOM   316 N N1    . DC  B 1 6  ? -3.060  6.215   0.342   1.00 26.40 ? 16 DC  B N1    1 
ATOM   317 C C2    . DC  B 1 6  ? -3.244  5.447   1.484   1.00 25.88 ? 16 DC  B C2    1 
ATOM   318 O O2    . DC  B 1 6  ? -4.187  5.662   2.247   1.00 28.76 ? 16 DC  B O2    1 
ATOM   319 N N3    . DC  B 1 6  ? -2.369  4.432   1.722   1.00 24.83 ? 16 DC  B N3    1 
ATOM   320 C C4    . DC  B 1 6  ? -1.353  4.167   0.888   1.00 21.57 ? 16 DC  B C4    1 
ATOM   321 N N4    . DC  B 1 6  ? -0.550  3.132   1.114   1.00 21.46 ? 16 DC  B N4    1 
ATOM   322 C C5    . DC  B 1 6  ? -1.136  4.947   -0.281  1.00 22.42 ? 16 DC  B C5    1 
ATOM   323 C C6    . DC  B 1 6  ? -2.008  5.945   -0.507  1.00 23.75 ? 16 DC  B C6    1 
ATOM   324 P P     . DC  B 1 7  ? -2.082  11.647  0.400   1.00 51.46 ? 17 DC  B P     1 
ATOM   325 O OP1   . DC  B 1 7  ? -2.317  13.061  0.033   1.00 56.22 ? 17 DC  B OP1   1 
ATOM   326 O OP2   . DC  B 1 7  ? -0.748  11.044  0.159   1.00 39.84 ? 17 DC  B OP2   1 
ATOM   327 O "O5'" . DC  B 1 7  ? -2.479  11.441  1.934   1.00 46.73 ? 17 DC  B "O5'" 1 
ATOM   328 C "C5'" . DC  B 1 7  ? -1.482  11.380  2.934   1.00 42.16 ? 17 DC  B "C5'" 1 
ATOM   329 C "C4'" . DC  B 1 7  ? -1.960  10.577  4.122   1.00 38.32 ? 17 DC  B "C4'" 1 
ATOM   330 O "O4'" . DC  B 1 7  ? -2.349  9.263   3.685   1.00 34.05 ? 17 DC  B "O4'" 1 
ATOM   331 C "C3'" . DC  B 1 7  ? -0.794  10.365  5.050   1.00 34.49 ? 17 DC  B "C3'" 1 
ATOM   332 O "O3'" . DC  B 1 7  ? -0.842  11.432  5.986   1.00 38.73 ? 17 DC  B "O3'" 1 
ATOM   333 C "C2'" . DC  B 1 7  ? -1.212  9.101   5.751   1.00 31.41 ? 17 DC  B "C2'" 1 
ATOM   334 C "C1'" . DC  B 1 7  ? -1.785  8.288   4.575   1.00 30.50 ? 17 DC  B "C1'" 1 
ATOM   335 N N1    . DC  B 1 7  ? -0.791  7.390   3.897   1.00 27.87 ? 17 DC  B N1    1 
ATOM   336 C C2    . DC  B 1 7  ? -0.394  6.237   4.567   1.00 28.07 ? 17 DC  B C2    1 
ATOM   337 O O2    . DC  B 1 7  ? -0.885  5.916   5.653   1.00 28.81 ? 17 DC  B O2    1 
ATOM   338 N N3    . DC  B 1 7  ? 0.534   5.441   3.961   1.00 23.95 ? 17 DC  B N3    1 
ATOM   339 C C4    . DC  B 1 7  ? 1.051   5.738   2.764   1.00 20.88 ? 17 DC  B C4    1 
ATOM   340 N N4    . DC  B 1 7  ? 1.941   4.930   2.202   1.00 17.76 ? 17 DC  B N4    1 
ATOM   341 C C5    . DC  B 1 7  ? 0.656   6.904   2.060   1.00 20.88 ? 17 DC  B C5    1 
ATOM   342 C C6    . DC  B 1 7  ? -0.256  7.686   2.662   1.00 24.15 ? 17 DC  B C6    1 
HETATM 343 N N1    . 5CM B 1 8  ? 2.344   7.203   7.597   1.00 30.85 ? 18 5CM B N1    1 
HETATM 344 C C2    . 5CM B 1 8  ? 2.960   5.955   7.602   1.00 31.75 ? 18 5CM B C2    1 
HETATM 345 N N3    . 5CM B 1 8  ? 3.634   5.566   6.484   1.00 32.46 ? 18 5CM B N3    1 
HETATM 346 C C4    . 5CM B 1 8  ? 3.716   6.347   5.392   1.00 29.79 ? 18 5CM B C4    1 
HETATM 347 C C5    . 5CM B 1 8  ? 3.090   7.628   5.373   1.00 27.61 ? 18 5CM B C5    1 
HETATM 348 C C5A   . 5CM B 1 8  ? 3.189   8.551   4.170   1.00 26.14 ? 18 5CM B C5A   1 
HETATM 349 C C6    . 5CM B 1 8  ? 2.423   8.005   6.479   1.00 30.42 ? 18 5CM B C6    1 
HETATM 350 O O2    . 5CM B 1 8  ? 2.866   5.193   8.566   1.00 33.79 ? 18 5CM B O2    1 
HETATM 351 N N4    . 5CM B 1 8  ? 4.373   5.911   4.316   1.00 30.44 ? 18 5CM B N4    1 
HETATM 352 C "C1'" . 5CM B 1 8  ? 1.598   7.623   8.830   1.00 32.53 ? 18 5CM B "C1'" 1 
HETATM 353 C "C2'" . 5CM B 1 8  ? 2.484   8.164   9.966   1.00 34.24 ? 18 5CM B "C2'" 1 
HETATM 354 C "C3'" . 5CM B 1 8  ? 2.410   9.660   9.693   1.00 35.24 ? 18 5CM B "C3'" 1 
HETATM 355 C "C4'" . 5CM B 1 8  ? 0.944   9.770   9.422   1.00 35.06 ? 18 5CM B "C4'" 1 
HETATM 356 O "O4'" . 5CM B 1 8  ? 0.641   8.658   8.575   1.00 32.95 ? 18 5CM B "O4'" 1 
HETATM 357 O "O3'" . 5CM B 1 8  ? 2.629   10.341  10.921  1.00 38.79 ? 18 5CM B "O3'" 1 
HETATM 358 C "C5'" . 5CM B 1 8  ? 0.479   11.023  8.730   1.00 34.05 ? 18 5CM B "C5'" 1 
HETATM 359 O "O5'" . 5CM B 1 8  ? 1.103   11.129  7.462   1.00 34.13 ? 18 5CM B "O5'" 1 
HETATM 360 P P     . 5CM B 1 8  ? 0.515   12.157  6.403   1.00 37.28 ? 18 5CM B P     1 
HETATM 361 O OP1   . 5CM B 1 8  ? 0.158   13.414  7.098   1.00 46.38 ? 18 5CM B OP1   1 
HETATM 362 O OP2   . 5CM B 1 8  ? 1.428   12.188  5.240   1.00 33.64 ? 18 5CM B OP2   1 
ATOM   363 P P     . DG  B 1 9  ? 4.051   11.002  11.232  1.00 38.56 ? 19 DG  B P     1 
ATOM   364 O OP1   . DG  B 1 9  ? 3.892   11.856  12.429  1.00 45.08 ? 19 DG  B OP1   1 
ATOM   365 O OP2   . DG  B 1 9  ? 4.588   11.586  9.981   1.00 36.73 ? 19 DG  B OP2   1 
ATOM   366 O "O5'" . DG  B 1 9  ? 4.942   9.717   11.619  1.00 36.20 ? 19 DG  B "O5'" 1 
ATOM   367 C "C5'" . DG  B 1 9  ? 4.854   9.084   12.899  1.00 37.34 ? 19 DG  B "C5'" 1 
ATOM   368 C "C4'" . DG  B 1 9  ? 5.651   7.787   12.917  1.00 36.00 ? 19 DG  B "C4'" 1 
ATOM   369 O "O4'" . DG  B 1 9  ? 5.133   6.879   11.931  1.00 36.27 ? 19 DG  B "O4'" 1 
ATOM   370 C "C3'" . DG  B 1 9  ? 7.070   7.971   12.478  1.00 36.05 ? 19 DG  B "C3'" 1 
ATOM   371 O "O3'" . DG  B 1 9  ? 7.813   8.504   13.564  1.00 38.03 ? 19 DG  B "O3'" 1 
ATOM   372 C "C2'" . DG  B 1 9  ? 7.431   6.516   12.279  1.00 32.97 ? 19 DG  B "C2'" 1 
ATOM   373 C "C1'" . DG  B 1 9  ? 6.242   6.099   11.418  1.00 32.53 ? 19 DG  B "C1'" 1 
ATOM   374 N N9    . DG  B 1 9  ? 6.508   6.342   9.968   1.00 32.16 ? 19 DG  B N9    1 
ATOM   375 C C8    . DG  B 1 9  ? 6.071   7.352   9.142   1.00 33.98 ? 19 DG  B C8    1 
ATOM   376 N N7    . DG  B 1 9  ? 6.495   7.279   7.918   1.00 29.84 ? 19 DG  B N7    1 
ATOM   377 C C5    . DG  B 1 9  ? 7.263   6.130   7.914   1.00 28.21 ? 19 DG  B C5    1 
ATOM   378 C C6    . DG  B 1 9  ? 7.950   5.530   6.841   1.00 27.40 ? 19 DG  B C6    1 
ATOM   379 O O6    . DG  B 1 9  ? 8.044   5.941   5.686   1.00 25.52 ? 19 DG  B O6    1 
ATOM   380 N N1    . DG  B 1 9  ? 8.577   4.363   7.235   1.00 27.13 ? 19 DG  B N1    1 
ATOM   381 C C2    . DG  B 1 9  ? 8.546   3.841   8.509   1.00 29.39 ? 19 DG  B C2    1 
ATOM   382 N N2    . DG  B 1 9  ? 9.211   2.707   8.702   1.00 30.49 ? 19 DG  B N2    1 
ATOM   383 N N3    . DG  B 1 9  ? 7.899   4.409   9.528   1.00 30.56 ? 19 DG  B N3    1 
ATOM   384 C C4    . DG  B 1 9  ? 7.280   5.548   9.158   1.00 29.35 ? 19 DG  B C4    1 
ATOM   385 P P     . DG  B 1 10 ? 9.061   9.464   13.199  1.00 40.17 ? 20 DG  B P     1 
ATOM   386 O OP1   . DG  B 1 10 ? 9.473   10.159  14.439  1.00 48.02 ? 20 DG  B OP1   1 
ATOM   387 O OP2   . DG  B 1 10 ? 8.758   10.254  11.984  1.00 34.95 ? 20 DG  B OP2   1 
ATOM   388 O "O5'" . DG  B 1 10 ? 10.204  8.411   12.796  1.00 39.03 ? 20 DG  B "O5'" 1 
ATOM   389 C "C5'" . DG  B 1 10 ? 10.759  7.460   13.712  1.00 42.30 ? 20 DG  B "C5'" 1 
ATOM   390 C "C4'" . DG  B 1 10 ? 11.574  6.429   12.947  1.00 40.88 ? 20 DG  B "C4'" 1 
ATOM   391 O "O4'" . DG  B 1 10 ? 10.800  5.808   11.908  1.00 38.22 ? 20 DG  B "O4'" 1 
ATOM   392 C "C3'" . DG  B 1 10 ? 12.703  7.099   12.214  1.00 40.22 ? 20 DG  B "C3'" 1 
ATOM   393 O "O3'" . DG  B 1 10 ? 13.706  7.492   13.155  1.00 39.20 ? 20 DG  B "O3'" 1 
ATOM   394 C "C2'" . DG  B 1 10 ? 13.089  5.974   11.276  1.00 36.72 ? 20 DG  B "C2'" 1 
ATOM   395 C "C1'" . DG  B 1 10 ? 11.708  5.474   10.828  1.00 34.27 ? 20 DG  B "C1'" 1 
ATOM   396 N N9    . DG  B 1 10 ? 11.336  6.064   9.520   1.00 30.54 ? 20 DG  B N9    1 
ATOM   397 C C8    . DG  B 1 10 ? 10.513  7.125   9.246   1.00 31.69 ? 20 DG  B C8    1 
ATOM   398 N N7    . DG  B 1 10 ? 10.392  7.390   7.976   1.00 28.83 ? 20 DG  B N7    1 
ATOM   399 C C5    . DG  B 1 10 ? 11.188  6.441   7.360   1.00 29.82 ? 20 DG  B C5    1 
ATOM   400 C C6    . DG  B 1 10 ? 11.350  6.176   5.976   1.00 30.42 ? 20 DG  B C6    1 
ATOM   401 O O6    . DG  B 1 10 ? 10.897  6.793   5.023   1.00 33.24 ? 20 DG  B O6    1 
ATOM   402 N N1    . DG  B 1 10 ? 12.121  5.062   5.759   1.00 29.79 ? 20 DG  B N1    1 
ATOM   403 C C2    . DG  B 1 10 ? 12.671  4.290   6.752   1.00 32.22 ? 20 DG  B C2    1 
ATOM   404 N N2    . DG  B 1 10 ? 13.354  3.238   6.326   1.00 30.64 ? 20 DG  B N2    1 
ATOM   405 N N3    . DG  B 1 10 ? 12.529  4.529   8.065   1.00 32.70 ? 20 DG  B N3    1 
ATOM   406 C C4    . DG  B 1 10 ? 11.770  5.624   8.292   1.00 29.32 ? 20 DG  B C4    1 
HETATM 407 O O     . HOH C 2 .  ? -0.928  -3.682  3.180   1.00 31.07 ? 21 HOH A O     1 
HETATM 408 O O     . HOH C 2 .  ? -5.775  -6.883  -1.376  1.00 37.11 ? 23 HOH A O     1 
HETATM 409 O O     . HOH C 2 .  ? -9.687  -5.825  -3.788  1.00 36.82 ? 25 HOH A O     1 
HETATM 410 O O     . HOH C 2 .  ? -12.224 -5.239  -3.215  1.00 37.89 ? 26 HOH A O     1 
HETATM 411 O O     . HOH C 2 .  ? 8.719   3.626   -0.212  1.00 30.06 ? 28 HOH A O     1 
HETATM 412 O O     . HOH C 2 .  ? 6.832   3.961   1.679   1.00 50.00 ? 29 HOH A O     1 
HETATM 413 O O     . HOH C 2 .  ? 4.652   0.959   1.774   1.00 46.53 ? 35 HOH A O     1 
HETATM 414 O O     . HOH C 2 .  ? -5.304  -4.602  -12.053 1.00 41.19 ? 36 HOH A O     1 
HETATM 415 O O     . HOH C 2 .  ? 10.166  -6.950  7.736   1.00 39.27 ? 37 HOH A O     1 
HETATM 416 O O     . HOH C 2 .  ? 6.107   -5.159  11.042  1.00 39.81 ? 38 HOH A O     1 
HETATM 417 O O     . HOH C 2 .  ? -5.797  -4.248  1.863   1.00 46.39 ? 40 HOH A O     1 
HETATM 418 O O     . HOH C 2 .  ? 12.168  -7.018  5.700   1.00 48.35 ? 41 HOH A O     1 
HETATM 419 O O     . HOH C 2 .  ? -12.809 -2.870  0.253   1.00 52.49 ? 42 HOH A O     1 
HETATM 420 O O     . HOH C 2 .  ? 9.006   -2.105  1.402   1.00 41.49 ? 47 HOH A O     1 
HETATM 421 O O     . HOH C 2 .  ? 0.320   -1.193  4.469   1.00 45.38 ? 48 HOH A O     1 
HETATM 422 O O     . HOH C 2 .  ? -11.254 -6.679  -6.624  1.00 38.51 ? 50 HOH A O     1 
HETATM 423 O O     . HOH C 2 .  ? -6.432  -2.868  12.564  1.00 51.21 ? 51 HOH A O     1 
HETATM 424 O O     . HOH C 2 .  ? -0.921  -5.238  -18.917 1.00 47.32 ? 52 HOH A O     1 
HETATM 425 O O     . HOH C 2 .  ? -6.706  -4.501  -16.066 1.00 43.70 ? 53 HOH A O     1 
HETATM 426 O O     . HOH C 2 .  ? -11.083 -2.253  -12.364 1.00 48.85 ? 54 HOH A O     1 
HETATM 427 O O     . HOH C 2 .  ? 0.755   -5.279  12.417  1.00 50.64 ? 55 HOH A O     1 
HETATM 428 O O     . HOH C 2 .  ? 8.894   6.456   0.714   1.00 51.80 ? 56 HOH A O     1 
HETATM 429 O O     . HOH C 2 .  ? 7.323   0.639   1.420   1.00 55.96 ? 57 HOH A O     1 
HETATM 430 O O     . HOH C 2 .  ? -11.869 -2.886  -4.929  1.00 33.50 ? 58 HOH A O     1 
HETATM 431 O O     . HOH C 2 .  ? -3.583  -4.222  -17.382 1.00 47.61 ? 59 HOH A O     1 
HETATM 432 O O     . HOH C 2 .  ? -11.244 -8.134  -4.398  1.00 28.19 ? 60 HOH A O     1 
HETATM 433 O O     . HOH C 2 .  ? 1.972   -4.630  4.223   1.00 63.09 ? 61 HOH A O     1 
HETATM 434 O O     . HOH C 2 .  ? 8.646   -5.632  11.718  1.00 28.63 ? 62 HOH A O     1 
HETATM 435 O O     . HOH C 2 .  ? 8.234   -5.994  1.536   1.00 52.79 ? 64 HOH A O     1 
HETATM 436 O O     . HOH C 2 .  ? -16.325 0.511   -4.097  1.00 44.94 ? 66 HOH A O     1 
HETATM 437 O O     . HOH C 2 .  ? -17.661 1.128   -6.748  1.00 49.77 ? 67 HOH A O     1 
HETATM 438 O O     . HOH C 2 .  ? -15.523 2.933   -6.801  1.00 41.10 ? 68 HOH A O     1 
HETATM 439 O O     . HOH C 2 .  ? -9.764  -10.160 -2.944  1.00 52.54 ? 71 HOH A O     1 
HETATM 440 O O     . HOH C 2 .  ? -14.266 3.554   -2.247  1.00 47.86 ? 72 HOH A O     1 
HETATM 441 O O     . HOH C 2 .  ? -3.209  -3.891  -13.767 1.00 48.51 ? 73 HOH A O     1 
HETATM 442 O O     . HOH C 2 .  ? 8.500   -1.235  -1.776  1.00 53.29 ? 74 HOH A O     1 
HETATM 443 O O     . HOH C 2 .  ? 10.312  3.473   -2.415  1.00 46.93 ? 76 HOH A O     1 
HETATM 444 O O     . HOH C 2 .  ? -7.247  -6.076  -14.110 1.00 35.44 ? 77 HOH A O     1 
HETATM 445 O O     . HOH C 2 .  ? -7.876  -8.184  -3.764  1.00 47.29 ? 78 HOH A O     1 
HETATM 446 O O     . HOH C 2 .  ? -6.070  -5.458  -3.522  1.00 48.92 ? 79 HOH A O     1 
HETATM 447 O O     . HOH C 2 .  ? -5.418  -5.026  4.435   1.00 35.03 ? 80 HOH A O     1 
HETATM 448 O O     . HOH C 2 .  ? -0.995  -2.403  -17.651 1.00 60.91 ? 82 HOH A O     1 
HETATM 449 O O     . HOH C 2 .  ? -3.124  -9.225  12.143  1.00 45.29 ? 83 HOH A O     1 
HETATM 450 O O     . HOH C 2 .  ? 10.700  0.819   -2.035  1.00 65.03 ? 84 HOH A O     1 
HETATM 451 O O     . HOH D 2 .  ? -0.940  -4.558  -3.601  1.00 40.56 ? 22 HOH B O     1 
HETATM 452 O O     . HOH D 2 .  ? -6.070  -11.047 -0.560  1.00 62.02 ? 24 HOH B O     1 
HETATM 453 O O     . HOH D 2 .  ? 8.415   3.290   11.934  1.00 41.95 ? 27 HOH B O     1 
HETATM 454 O O     . HOH D 2 .  ? 1.811   8.733   -0.580  1.00 51.17 ? 30 HOH B O     1 
HETATM 455 O O     . HOH D 2 .  ? -0.199  -3.265  -1.354  1.00 41.93 ? 31 HOH B O     1 
HETATM 456 O O     . HOH D 2 .  ? 1.216   -4.018  -4.983  1.00 46.09 ? 32 HOH B O     1 
HETATM 457 O O     . HOH D 2 .  ? -3.329  -5.921  -2.889  1.00 43.24 ? 33 HOH B O     1 
HETATM 458 O O     . HOH D 2 .  ? 8.207   11.069  5.193   1.00 45.23 ? 34 HOH B O     1 
HETATM 459 O O     . HOH D 2 .  ? 2.532   -1.321  -13.026 1.00 53.42 ? 39 HOH B O     1 
HETATM 460 O O     . HOH D 2 .  ? 2.584   -1.002  -0.699  1.00 59.77 ? 43 HOH B O     1 
HETATM 461 O O     . HOH D 2 .  ? 3.739   6.354   -11.342 1.00 49.79 ? 44 HOH B O     1 
HETATM 462 O O     . HOH D 2 .  ? 8.931   9.543   7.238   1.00 54.48 ? 45 HOH B O     1 
HETATM 463 O O     . HOH D 2 .  ? 6.643   8.722   5.711   1.00 41.83 ? 46 HOH B O     1 
HETATM 464 O O     . HOH D 2 .  ? 0.713   -0.886  -2.865  1.00 35.70 ? 49 HOH B O     1 
HETATM 465 O O     . HOH D 2 .  ? 4.887   4.019   -7.296  1.00 49.29 ? 63 HOH B O     1 
HETATM 466 O O     . HOH D 2 .  ? 5.335   -7.333  -12.353 1.00 42.43 ? 65 HOH B O     1 
HETATM 467 O O     . HOH D 2 .  ? 8.563   12.046  10.041  1.00 39.91 ? 69 HOH B O     1 
HETATM 468 O O     . HOH D 2 .  ? 3.190   2.201   -13.508 1.00 54.12 ? 70 HOH B O     1 
HETATM 469 O O     . HOH D 2 .  ? 5.248   -1.480  -2.718  1.00 47.23 ? 75 HOH B O     1 
HETATM 470 O O     . HOH D 2 .  ? 5.233   -5.457  -14.127 1.00 52.78 ? 81 HOH B O     1 
HETATM 471 O O     . HOH D 2 .  ? 8.166   7.802   3.345   1.00 55.68 ? 85 HOH B O     1 
HETATM 472 O O     . HOH D 2 .  ? 0.574   7.650   -11.214 1.00 54.36 ? 86 HOH B O     1 
HETATM 473 O O     . HOH D 2 .  ? 3.872   13.103  2.958   1.00 52.00 ? 87 HOH B O     1 
HETATM 474 O O     . HOH D 2 .  ? 0.668   14.037  2.512   1.00 35.49 ? 88 HOH B O     1 
HETATM 475 O O     . HOH D 2 .  ? -1.410  12.915  -2.869  1.00 41.51 ? 89 HOH B O     1 
HETATM 476 O O     . HOH D 2 .  ? 3.341   5.500   -0.422  1.00 54.98 ? 90 HOH B O     1 
HETATM 477 O O     . HOH D 2 .  ? 1.999   2.247   -0.177  1.00 51.20 ? 91 HOH B O     1 
HETATM 478 O O     . HOH D 2 .  ? -0.556  -6.877  -4.763  1.00 51.91 ? 92 HOH B O     1 
HETATM 479 O O     . HOH D 2 .  ? 2.823   -6.690  -2.656  1.00 53.93 ? 93 HOH B O     1 
HETATM 480 O O     . HOH D 2 .  ? 2.686   -3.324  -2.544  1.00 33.54 ? 94 HOH B O     1 
HETATM 481 O O     . HOH D 2 .  ? 5.830   -13.006 -2.619  1.00 53.87 ? 95 HOH B O     1 
HETATM 482 O O     . HOH D 2 .  ? 14.065  6.675   16.414  1.00 61.19 ? 96 HOH B O     1 
# 
